data_2O6H
#
_entry.id   2O6H
#
_cell.length_a   97.649
_cell.length_b   97.649
_cell.length_c   175.400
_cell.angle_alpha   90.00
_cell.angle_beta   90.00
_cell.angle_gamma   120.00
#
_symmetry.space_group_name_H-M   'P 32 2 1'
#
loop_
_entity.id
_entity.type
_entity.pdbx_description
1 polymer '6,7-dimethyl-8-ribityllumazine synthase 1'
2 non-polymer 'CALCIUM ION'
3 non-polymer 5-NITRO-6-RIBITYL-AMINO-2,4(1H,3H)-PYRIMIDINEDIONE
4 water water
#
_entity_poly.entity_id   1
_entity_poly.type   'polypeptide(L)'
_entity_poly.pdbx_seq_one_letter_code
;MEFLMSKHEADAPHLLIVEARFYDDLADALLDGAKAALDEAGATYDVVTVPGALEIPATISFALDGADNGGTEYDGFVAL
GTVIRGETYHFDIVSNESCRALTDLSVEESIAIGNGILTVENEEQAWVRARREDKDKGGFAARAALTMIGLRKKFGA
;
_entity_poly.pdbx_strand_id   A,B,C,D,E
#
loop_
_chem_comp.id
_chem_comp.type
_chem_comp.name
_chem_comp.formula
CA non-polymer 'CALCIUM ION' 'Ca 2'
INI non-polymer 5-NITRO-6-RIBITYL-AMINO-2,4(1H,3H)-PYRIMIDINEDIONE 'C9 H14 N4 O8'
#
# COMPACT_ATOMS: atom_id res chain seq x y z
N ASP A 11 -26.49 25.59 -10.90
CA ASP A 11 -25.00 25.63 -11.08
C ASP A 11 -24.45 24.24 -11.47
N ALA A 12 -23.99 24.13 -12.71
CA ALA A 12 -23.42 22.89 -13.23
C ALA A 12 -22.04 22.68 -12.61
N PRO A 13 -21.61 21.42 -12.44
CA PRO A 13 -20.31 21.16 -11.84
C PRO A 13 -19.11 21.63 -12.65
N HIS A 14 -18.03 21.96 -11.95
CA HIS A 14 -16.80 22.41 -12.59
C HIS A 14 -15.74 21.36 -12.24
N LEU A 15 -15.31 20.61 -13.26
CA LEU A 15 -14.34 19.55 -13.09
C LEU A 15 -12.95 19.98 -13.52
N LEU A 16 -11.94 19.29 -12.98
CA LEU A 16 -10.55 19.54 -13.36
C LEU A 16 -10.03 18.29 -14.08
N ILE A 17 -9.81 18.39 -15.39
CA ILE A 17 -9.30 17.25 -16.12
C ILE A 17 -7.79 17.24 -15.98
N VAL A 18 -7.26 16.17 -15.40
CA VAL A 18 -5.82 16.04 -15.24
C VAL A 18 -5.32 14.94 -16.16
N GLU A 19 -4.59 15.34 -17.20
CA GLU A 19 -4.09 14.38 -18.15
C GLU A 19 -2.59 14.14 -18.14
N ALA A 20 -2.24 12.86 -18.18
CA ALA A 20 -0.86 12.44 -18.25
C ALA A 20 -0.69 12.20 -19.75
N ARG A 21 0.09 13.06 -20.39
CA ARG A 21 0.33 12.98 -21.82
C ARG A 21 1.71 12.40 -22.11
N PHE A 22 1.76 11.08 -22.20
CA PHE A 22 2.98 10.36 -22.46
C PHE A 22 2.94 9.92 -23.91
N TYR A 23 1.78 9.45 -24.36
CA TYR A 23 1.59 9.03 -25.75
C TYR A 23 0.66 10.08 -26.33
N ASP A 24 1.25 11.10 -26.94
CA ASP A 24 0.47 12.21 -27.46
C ASP A 24 -0.84 11.92 -28.18
N ASP A 25 -0.86 10.95 -29.07
CA ASP A 25 -2.10 10.64 -29.78
C ASP A 25 -3.17 10.06 -28.89
N LEU A 26 -2.83 8.99 -28.18
CA LEU A 26 -3.79 8.36 -27.28
C LEU A 26 -4.33 9.43 -26.33
N ALA A 27 -3.45 10.32 -25.88
CA ALA A 27 -3.85 11.38 -24.96
C ALA A 27 -5.02 12.14 -25.55
N ASP A 28 -4.92 12.48 -26.83
CA ASP A 28 -5.99 13.21 -27.49
C ASP A 28 -7.27 12.41 -27.56
N ALA A 29 -7.19 11.12 -27.88
CA ALA A 29 -8.39 10.32 -27.96
C ALA A 29 -9.12 10.39 -26.61
N LEU A 30 -8.43 10.07 -25.51
CA LEU A 30 -9.04 10.11 -24.18
C LEU A 30 -9.57 11.50 -23.82
N LEU A 31 -8.79 12.54 -24.09
CA LEU A 31 -9.22 13.90 -23.79
C LEU A 31 -10.48 14.21 -24.56
N ASP A 32 -10.54 13.75 -25.80
CA ASP A 32 -11.68 13.97 -26.67
C ASP A 32 -12.94 13.33 -26.10
N GLY A 33 -12.80 12.09 -25.61
CA GLY A 33 -13.91 11.35 -25.03
C GLY A 33 -14.39 11.93 -23.71
N ALA A 34 -13.45 12.50 -22.94
CA ALA A 34 -13.75 13.11 -21.66
C ALA A 34 -14.54 14.41 -21.87
N LYS A 35 -13.99 15.30 -22.69
CA LYS A 35 -14.65 16.56 -22.97
C LYS A 35 -16.02 16.34 -23.61
N ALA A 36 -16.17 15.25 -24.34
CA ALA A 36 -17.44 14.95 -24.98
C ALA A 36 -18.51 14.70 -23.92
N ALA A 37 -18.23 13.78 -23.00
CA ALA A 37 -19.17 13.42 -21.92
C ALA A 37 -19.50 14.60 -21.01
N LEU A 38 -18.50 15.37 -20.63
CA LEU A 38 -18.75 16.51 -19.77
C LEU A 38 -19.62 17.52 -20.49
N ASP A 39 -19.28 17.82 -21.73
CA ASP A 39 -20.07 18.78 -22.49
C ASP A 39 -21.54 18.36 -22.59
N GLU A 40 -21.77 17.07 -22.84
CA GLU A 40 -23.13 16.59 -22.94
C GLU A 40 -23.84 16.74 -21.61
N ALA A 41 -23.06 16.65 -20.54
CA ALA A 41 -23.59 16.77 -19.18
C ALA A 41 -23.88 18.24 -18.85
N GLY A 42 -23.24 19.14 -19.59
CA GLY A 42 -23.45 20.56 -19.35
C GLY A 42 -22.49 21.03 -18.28
N ALA A 43 -21.48 20.23 -18.01
CA ALA A 43 -20.51 20.56 -16.98
C ALA A 43 -19.29 21.27 -17.58
N THR A 44 -18.73 22.23 -16.84
CA THR A 44 -17.54 22.95 -17.31
C THR A 44 -16.28 22.34 -16.69
N TYR A 45 -15.11 22.67 -17.21
CA TYR A 45 -13.87 22.09 -16.70
C TYR A 45 -12.61 22.85 -17.11
N ASP A 46 -11.49 22.41 -16.56
CA ASP A 46 -10.19 22.98 -16.87
C ASP A 46 -9.30 21.78 -17.15
N VAL A 47 -8.40 21.92 -18.12
CA VAL A 47 -7.51 20.83 -18.48
C VAL A 47 -6.07 21.17 -18.14
N VAL A 48 -5.48 20.40 -17.25
CA VAL A 48 -4.11 20.63 -16.85
C VAL A 48 -3.35 19.41 -17.35
N THR A 49 -2.16 19.62 -17.90
CA THR A 49 -1.33 18.55 -18.46
C THR A 49 -0.13 18.21 -17.57
N VAL A 50 0.21 16.94 -17.48
CA VAL A 50 1.38 16.50 -16.72
C VAL A 50 2.11 15.52 -17.63
N PRO A 51 3.40 15.25 -17.36
CA PRO A 51 4.20 14.33 -18.18
C PRO A 51 3.89 12.86 -18.08
N GLY A 52 3.41 12.40 -16.92
CA GLY A 52 3.11 10.98 -16.77
C GLY A 52 2.10 10.66 -15.68
N ALA A 53 1.57 9.44 -15.74
CA ALA A 53 0.57 9.00 -14.77
C ALA A 53 1.07 9.10 -13.35
N LEU A 54 2.39 9.11 -13.16
CA LEU A 54 2.93 9.21 -11.81
C LEU A 54 2.62 10.57 -11.20
N GLU A 55 2.60 11.63 -12.01
CA GLU A 55 2.29 12.93 -11.42
C GLU A 55 0.82 13.32 -11.42
N ILE A 56 -0.08 12.41 -11.78
CA ILE A 56 -1.50 12.74 -11.78
C ILE A 56 -2.04 13.02 -10.37
N PRO A 57 -1.86 12.06 -9.44
CA PRO A 57 -2.38 12.31 -8.10
C PRO A 57 -1.82 13.54 -7.38
N ALA A 58 -0.52 13.77 -7.47
CA ALA A 58 0.09 14.92 -6.79
C ALA A 58 -0.43 16.25 -7.30
N THR A 59 -0.95 16.26 -8.52
CA THR A 59 -1.49 17.47 -9.14
C THR A 59 -2.85 17.76 -8.52
N ILE A 60 -3.68 16.73 -8.38
CA ILE A 60 -5.00 16.92 -7.79
C ILE A 60 -4.78 17.47 -6.40
N SER A 61 -3.69 17.02 -5.78
CA SER A 61 -3.31 17.47 -4.46
C SER A 61 -3.03 18.98 -4.56
N PHE A 62 -2.21 19.38 -5.51
CA PHE A 62 -1.90 20.78 -5.72
C PHE A 62 -3.19 21.59 -5.85
N ALA A 63 -4.19 21.02 -6.53
CA ALA A 63 -5.44 21.73 -6.73
C ALA A 63 -6.28 21.95 -5.48
N LEU A 64 -6.32 20.96 -4.61
CA LEU A 64 -7.08 21.06 -3.37
C LEU A 64 -6.41 22.12 -2.48
N ASP A 65 -5.08 22.10 -2.46
CA ASP A 65 -4.29 23.06 -1.68
C ASP A 65 -4.62 24.48 -2.13
N GLY A 66 -4.68 24.69 -3.44
CA GLY A 66 -4.99 26.00 -3.96
C GLY A 66 -6.39 26.42 -3.55
N ALA A 67 -7.32 25.48 -3.59
CA ALA A 67 -8.69 25.79 -3.20
C ALA A 67 -8.72 26.27 -1.74
N ASP A 68 -7.88 25.67 -0.89
CA ASP A 68 -7.81 26.07 0.51
C ASP A 68 -7.08 27.40 0.65
N ASN A 69 -6.66 27.94 -0.47
CA ASN A 69 -5.96 29.21 -0.46
C ASN A 69 -6.72 30.14 -1.41
N GLY A 70 -8.04 30.02 -1.39
CA GLY A 70 -8.90 30.85 -2.20
C GLY A 70 -8.91 30.54 -3.69
N GLY A 71 -8.09 29.59 -4.12
CA GLY A 71 -8.05 29.25 -5.53
C GLY A 71 -9.33 28.62 -6.06
N THR A 72 -9.30 28.19 -7.33
CA THR A 72 -10.46 27.56 -7.94
C THR A 72 -10.91 26.33 -7.15
N GLU A 73 -12.21 26.11 -7.08
CA GLU A 73 -12.71 24.94 -6.37
C GLU A 73 -13.42 24.00 -7.33
N TYR A 74 -12.88 22.80 -7.48
CA TYR A 74 -13.48 21.85 -8.38
C TYR A 74 -14.45 20.89 -7.68
N ASP A 75 -15.56 20.60 -8.33
CA ASP A 75 -16.56 19.69 -7.79
C ASP A 75 -16.07 18.25 -7.88
N GLY A 76 -15.21 17.98 -8.86
CA GLY A 76 -14.68 16.64 -9.04
C GLY A 76 -13.49 16.63 -9.97
N PHE A 77 -12.87 15.46 -10.11
CA PHE A 77 -11.70 15.33 -10.98
C PHE A 77 -11.78 14.18 -11.96
N VAL A 78 -11.08 14.33 -13.07
CA VAL A 78 -11.03 13.28 -14.08
C VAL A 78 -9.57 13.02 -14.37
N ALA A 79 -9.15 11.79 -14.12
CA ALA A 79 -7.77 11.37 -14.35
C ALA A 79 -7.68 10.57 -15.65
N LEU A 80 -6.87 11.06 -16.59
CA LEU A 80 -6.67 10.41 -17.89
C LEU A 80 -5.20 10.07 -18.06
N GLY A 81 -4.92 8.86 -18.54
CA GLY A 81 -3.56 8.43 -18.75
C GLY A 81 -3.48 7.10 -19.47
N THR A 82 -2.29 6.67 -19.84
CA THR A 82 -2.15 5.41 -20.53
C THR A 82 -0.77 4.80 -20.38
N VAL A 83 -0.74 3.53 -19.99
CA VAL A 83 0.51 2.79 -19.79
C VAL A 83 0.40 1.49 -20.59
N ILE A 84 1.30 1.34 -21.55
CA ILE A 84 1.33 0.15 -22.39
C ILE A 84 2.50 -0.70 -21.90
N ARG A 85 2.27 -1.97 -21.60
CA ARG A 85 3.38 -2.77 -21.13
C ARG A 85 4.43 -2.90 -22.23
N GLY A 86 5.70 -2.86 -21.82
CA GLY A 86 6.80 -2.98 -22.76
C GLY A 86 7.63 -4.19 -22.39
N GLU A 87 8.93 -3.98 -22.24
CA GLU A 87 9.86 -5.06 -21.89
C GLU A 87 10.35 -4.89 -20.46
N THR A 88 9.96 -3.78 -19.85
CA THR A 88 10.40 -3.45 -18.50
C THR A 88 9.28 -3.58 -17.46
N TYR A 89 9.70 -3.68 -16.19
CA TYR A 89 8.79 -3.78 -15.04
C TYR A 89 8.23 -2.39 -14.74
N HIS A 90 8.76 -1.39 -15.44
CA HIS A 90 8.35 -0.01 -15.28
C HIS A 90 6.85 0.12 -15.47
N PHE A 91 6.31 -0.68 -16.38
CA PHE A 91 4.89 -0.69 -16.66
C PHE A 91 4.12 -0.91 -15.35
N ASP A 92 4.42 -2.04 -14.69
CA ASP A 92 3.79 -2.40 -13.43
C ASP A 92 3.83 -1.24 -12.46
N ILE A 93 5.02 -0.70 -12.23
CA ILE A 93 5.20 0.40 -11.31
C ILE A 93 4.34 1.62 -11.66
N VAL A 94 4.54 2.18 -12.85
CA VAL A 94 3.77 3.34 -13.26
C VAL A 94 2.27 3.10 -13.12
N SER A 95 1.82 1.89 -13.48
CA SER A 95 0.42 1.55 -13.40
C SER A 95 -0.06 1.43 -11.95
N ASN A 96 0.71 0.73 -11.12
CA ASN A 96 0.34 0.51 -9.72
C ASN A 96 0.33 1.76 -8.84
N GLU A 97 1.42 2.54 -8.87
CA GLU A 97 1.49 3.72 -8.02
C GLU A 97 0.50 4.81 -8.39
N SER A 98 0.39 5.11 -9.68
CA SER A 98 -0.53 6.12 -10.13
C SER A 98 -1.95 5.76 -9.69
N CYS A 99 -2.32 4.51 -9.88
CA CYS A 99 -3.67 4.09 -9.52
C CYS A 99 -3.93 4.01 -8.02
N ARG A 100 -2.92 3.57 -7.26
CA ARG A 100 -3.07 3.44 -5.82
C ARG A 100 -3.22 4.79 -5.12
N ALA A 101 -2.31 5.71 -5.42
CA ALA A 101 -2.37 7.03 -4.80
C ALA A 101 -3.65 7.76 -5.17
N LEU A 102 -4.17 7.47 -6.36
CA LEU A 102 -5.38 8.11 -6.85
C LEU A 102 -6.61 7.59 -6.12
N THR A 103 -6.52 6.35 -5.62
CA THR A 103 -7.64 5.79 -4.91
C THR A 103 -7.62 6.19 -3.44
N ASP A 104 -6.44 6.32 -2.85
CA ASP A 104 -6.34 6.73 -1.44
C ASP A 104 -6.89 8.14 -1.32
N LEU A 105 -6.44 8.97 -2.25
CA LEU A 105 -6.82 10.37 -2.31
C LEU A 105 -8.33 10.55 -2.33
N SER A 106 -9.02 9.73 -3.12
CA SER A 106 -10.46 9.83 -3.22
C SER A 106 -11.09 9.61 -1.87
N VAL A 107 -10.44 8.81 -1.04
CA VAL A 107 -10.97 8.52 0.29
C VAL A 107 -10.46 9.51 1.37
N GLU A 108 -9.15 9.64 1.50
CA GLU A 108 -8.58 10.54 2.51
C GLU A 108 -9.23 11.90 2.42
N GLU A 109 -9.30 12.43 1.20
CA GLU A 109 -9.87 13.75 0.95
C GLU A 109 -11.36 13.80 0.64
N SER A 110 -11.99 12.62 0.53
CA SER A 110 -13.41 12.52 0.19
C SER A 110 -13.79 13.34 -1.04
N ILE A 111 -13.18 13.03 -2.18
CA ILE A 111 -13.48 13.75 -3.42
C ILE A 111 -13.89 12.84 -4.57
N ALA A 112 -14.70 13.37 -5.47
CA ALA A 112 -15.17 12.61 -6.63
C ALA A 112 -14.06 12.54 -7.68
N ILE A 113 -13.61 11.32 -7.99
CA ILE A 113 -12.56 11.12 -8.97
C ILE A 113 -12.84 10.03 -10.00
N GLY A 114 -12.97 10.43 -11.27
CA GLY A 114 -13.18 9.44 -12.31
C GLY A 114 -11.81 8.91 -12.73
N ASN A 115 -11.64 7.59 -12.74
CA ASN A 115 -10.36 7.00 -13.10
C ASN A 115 -10.27 6.56 -14.58
N GLY A 116 -9.59 7.36 -15.40
CA GLY A 116 -9.44 7.05 -16.81
C GLY A 116 -8.00 6.78 -17.22
N ILE A 117 -7.25 6.16 -16.33
CA ILE A 117 -5.87 5.82 -16.61
C ILE A 117 -5.88 4.41 -17.23
N LEU A 118 -5.43 4.31 -18.47
CA LEU A 118 -5.40 3.01 -19.15
C LEU A 118 -4.17 2.22 -18.74
N THR A 119 -4.35 0.92 -18.57
CA THR A 119 -3.27 0.02 -18.20
C THR A 119 -3.38 -1.21 -19.11
N VAL A 120 -2.69 -1.14 -20.25
CA VAL A 120 -2.76 -2.19 -21.25
C VAL A 120 -1.44 -2.86 -21.66
N GLU A 121 -1.59 -3.99 -22.33
CA GLU A 121 -0.47 -4.81 -22.79
C GLU A 121 0.17 -4.33 -24.10
N ASN A 122 -0.62 -3.70 -24.95
CA ASN A 122 -0.11 -3.24 -26.24
C ASN A 122 -0.92 -2.08 -26.83
N GLU A 123 -0.42 -1.52 -27.92
CA GLU A 123 -1.06 -0.39 -28.58
C GLU A 123 -2.45 -0.73 -29.11
N GLU A 124 -2.70 -2.00 -29.44
CA GLU A 124 -4.01 -2.35 -29.95
C GLU A 124 -5.04 -2.12 -28.84
N GLN A 125 -4.85 -2.83 -27.73
CA GLN A 125 -5.74 -2.70 -26.59
C GLN A 125 -5.89 -1.23 -26.22
N ALA A 126 -4.81 -0.48 -26.35
CA ALA A 126 -4.84 0.94 -26.00
C ALA A 126 -5.85 1.71 -26.83
N TRP A 127 -5.89 1.46 -28.12
CA TRP A 127 -6.81 2.18 -28.99
C TRP A 127 -8.25 1.72 -28.81
N VAL A 128 -8.45 0.42 -28.61
CA VAL A 128 -9.79 -0.08 -28.40
C VAL A 128 -10.43 0.72 -27.26
N ARG A 129 -9.65 0.92 -26.20
CA ARG A 129 -10.14 1.63 -25.02
C ARG A 129 -10.11 3.15 -25.04
N ALA A 130 -9.16 3.77 -25.75
CA ALA A 130 -9.09 5.23 -25.77
C ALA A 130 -9.98 5.89 -26.81
N ARG A 131 -10.58 5.10 -27.69
CA ARG A 131 -11.43 5.69 -28.74
C ARG A 131 -12.87 5.89 -28.27
N ARG A 132 -13.39 7.08 -28.53
CA ARG A 132 -14.76 7.39 -28.14
C ARG A 132 -15.72 6.54 -28.98
N GLU A 133 -15.28 6.20 -30.18
CA GLU A 133 -16.06 5.37 -31.10
C GLU A 133 -16.13 3.95 -30.60
N ASP A 134 -15.25 3.60 -29.68
CA ASP A 134 -15.20 2.26 -29.15
C ASP A 134 -15.51 2.22 -27.66
N LYS A 135 -14.61 1.59 -26.89
CA LYS A 135 -14.78 1.48 -25.45
C LYS A 135 -14.96 2.84 -24.74
N ASP A 136 -14.46 3.92 -25.35
CA ASP A 136 -14.58 5.24 -24.77
C ASP A 136 -14.36 5.25 -23.25
N LYS A 137 -13.14 4.96 -22.82
CA LYS A 137 -12.82 4.96 -21.41
C LYS A 137 -12.77 6.39 -20.87
N GLY A 138 -12.36 7.32 -21.73
CA GLY A 138 -12.27 8.73 -21.35
C GLY A 138 -13.60 9.25 -20.87
N GLY A 139 -14.67 8.96 -21.61
CA GLY A 139 -16.00 9.40 -21.23
C GLY A 139 -16.52 8.64 -20.03
N PHE A 140 -16.36 7.32 -20.05
CA PHE A 140 -16.82 6.49 -18.94
C PHE A 140 -16.27 7.10 -17.65
N ALA A 141 -15.07 7.65 -17.73
CA ALA A 141 -14.40 8.23 -16.57
C ALA A 141 -15.08 9.52 -16.15
N ALA A 142 -15.23 10.43 -17.11
CA ALA A 142 -15.86 11.71 -16.86
C ALA A 142 -17.23 11.41 -16.25
N ARG A 143 -17.97 10.53 -16.92
CA ARG A 143 -19.28 10.16 -16.43
C ARG A 143 -19.19 9.66 -14.98
N ALA A 144 -18.19 8.83 -14.69
CA ALA A 144 -18.02 8.30 -13.35
C ALA A 144 -17.78 9.46 -12.37
N ALA A 145 -16.98 10.43 -12.80
CA ALA A 145 -16.69 11.58 -11.96
C ALA A 145 -18.01 12.31 -11.70
N LEU A 146 -18.84 12.44 -12.73
CA LEU A 146 -20.11 13.14 -12.58
C LEU A 146 -21.00 12.41 -11.59
N THR A 147 -21.13 11.10 -11.76
CA THR A 147 -21.95 10.35 -10.84
C THR A 147 -21.48 10.58 -9.41
N MET A 148 -20.18 10.45 -9.15
CA MET A 148 -19.67 10.62 -7.79
C MET A 148 -19.95 12.00 -7.20
N ILE A 149 -19.97 13.01 -8.05
CA ILE A 149 -20.24 14.37 -7.63
C ILE A 149 -21.68 14.47 -7.13
N GLY A 150 -22.58 13.75 -7.78
CA GLY A 150 -23.96 13.76 -7.36
C GLY A 150 -24.12 12.99 -6.07
N LEU A 151 -23.50 11.82 -5.99
CA LEU A 151 -23.57 11.01 -4.79
C LEU A 151 -23.04 11.80 -3.60
N ARG A 152 -21.90 12.43 -3.81
CA ARG A 152 -21.27 13.22 -2.75
C ARG A 152 -22.29 14.21 -2.18
N LYS A 153 -23.02 14.89 -3.07
CA LYS A 153 -24.02 15.85 -2.64
C LYS A 153 -25.19 15.13 -1.97
N LYS A 154 -25.58 13.98 -2.52
CA LYS A 154 -26.70 13.24 -1.93
C LYS A 154 -26.40 12.88 -0.48
N PHE A 155 -25.16 12.56 -0.17
CA PHE A 155 -24.77 12.21 1.20
C PHE A 155 -24.45 13.44 2.02
N GLY A 156 -24.47 14.61 1.40
CA GLY A 156 -24.16 15.83 2.12
C GLY A 156 -22.80 15.71 2.77
N ALA A 157 -21.90 14.99 2.11
CA ALA A 157 -20.55 14.83 2.63
C ALA A 157 -19.79 16.12 2.35
N ASP B 11 -33.51 0.68 16.12
CA ASP B 11 -33.54 -0.66 16.79
C ASP B 11 -32.67 -1.66 16.01
N ALA B 12 -33.21 -2.20 14.92
CA ALA B 12 -32.46 -3.16 14.11
C ALA B 12 -31.35 -2.46 13.35
N PRO B 13 -30.31 -3.20 12.97
CA PRO B 13 -29.23 -2.55 12.24
C PRO B 13 -29.67 -2.05 10.87
N HIS B 14 -29.12 -0.91 10.47
CA HIS B 14 -29.44 -0.31 9.18
C HIS B 14 -28.10 -0.18 8.44
N LEU B 15 -27.97 -0.90 7.32
CA LEU B 15 -26.72 -0.87 6.55
C LEU B 15 -26.83 -0.20 5.19
N LEU B 16 -25.69 0.15 4.63
CA LEU B 16 -25.67 0.76 3.31
C LEU B 16 -25.11 -0.29 2.36
N ILE B 17 -25.84 -0.58 1.29
CA ILE B 17 -25.38 -1.53 0.30
C ILE B 17 -24.86 -0.69 -0.86
N VAL B 18 -23.54 -0.65 -1.03
CA VAL B 18 -22.92 0.10 -2.11
C VAL B 18 -22.61 -0.90 -3.24
N GLU B 19 -23.35 -0.82 -4.33
CA GLU B 19 -23.13 -1.75 -5.43
C GLU B 19 -22.46 -1.13 -6.65
N ALA B 20 -21.35 -1.74 -7.08
CA ALA B 20 -20.67 -1.30 -8.29
C ALA B 20 -21.43 -2.02 -9.39
N ARG B 21 -22.18 -1.27 -10.20
CA ARG B 21 -22.97 -1.89 -11.25
C ARG B 21 -22.28 -1.82 -12.60
N PHE B 22 -21.31 -2.71 -12.81
CA PHE B 22 -20.58 -2.76 -14.08
C PHE B 22 -21.29 -3.74 -15.03
N TYR B 23 -21.48 -4.99 -14.58
CA TYR B 23 -22.17 -5.98 -15.37
C TYR B 23 -23.57 -6.08 -14.77
N ASP B 24 -24.57 -5.50 -15.43
CA ASP B 24 -25.94 -5.47 -14.91
C ASP B 24 -26.58 -6.74 -14.35
N ASP B 25 -26.61 -7.81 -15.13
CA ASP B 25 -27.22 -9.07 -14.68
C ASP B 25 -26.61 -9.62 -13.40
N LEU B 26 -25.31 -9.82 -13.40
CA LEU B 26 -24.58 -10.33 -12.23
C LEU B 26 -24.81 -9.40 -11.04
N ALA B 27 -24.83 -8.09 -11.30
CA ALA B 27 -25.05 -7.12 -10.25
C ALA B 27 -26.38 -7.44 -9.54
N ASP B 28 -27.41 -7.77 -10.32
CA ASP B 28 -28.71 -8.08 -9.74
C ASP B 28 -28.66 -9.34 -8.90
N ALA B 29 -27.80 -10.27 -9.31
CA ALA B 29 -27.63 -11.53 -8.61
C ALA B 29 -27.05 -11.25 -7.24
N LEU B 30 -25.92 -10.56 -7.20
CA LEU B 30 -25.29 -10.24 -5.93
C LEU B 30 -26.23 -9.47 -5.01
N LEU B 31 -27.00 -8.53 -5.58
CA LEU B 31 -27.95 -7.75 -4.79
C LEU B 31 -29.09 -8.61 -4.23
N ASP B 32 -29.64 -9.48 -5.08
CA ASP B 32 -30.72 -10.41 -4.70
C ASP B 32 -30.32 -11.13 -3.41
N GLY B 33 -29.15 -11.75 -3.41
CA GLY B 33 -28.67 -12.46 -2.24
C GLY B 33 -28.36 -11.52 -1.07
N ALA B 34 -27.75 -10.39 -1.38
CA ALA B 34 -27.41 -9.42 -0.34
C ALA B 34 -28.65 -9.02 0.46
N LYS B 35 -29.67 -8.51 -0.24
CA LYS B 35 -30.90 -8.08 0.41
C LYS B 35 -31.54 -9.26 1.16
N ALA B 36 -31.55 -10.43 0.52
CA ALA B 36 -32.12 -11.63 1.15
C ALA B 36 -31.59 -11.81 2.56
N ALA B 37 -30.28 -11.96 2.69
CA ALA B 37 -29.66 -12.14 4.00
C ALA B 37 -30.03 -11.04 5.00
N LEU B 38 -29.95 -9.79 4.57
CA LEU B 38 -30.29 -8.67 5.43
C LEU B 38 -31.76 -8.73 5.81
N ASP B 39 -32.62 -9.10 4.85
CA ASP B 39 -34.04 -9.21 5.12
C ASP B 39 -34.29 -10.26 6.17
N GLU B 40 -33.77 -11.46 5.97
CA GLU B 40 -33.97 -12.51 6.95
C GLU B 40 -33.58 -12.04 8.34
N ALA B 41 -32.38 -11.46 8.47
CA ALA B 41 -31.89 -10.98 9.76
C ALA B 41 -32.72 -9.83 10.33
N GLY B 42 -33.75 -9.43 9.58
CA GLY B 42 -34.61 -8.35 10.04
C GLY B 42 -33.91 -7.01 10.01
N ALA B 43 -32.89 -6.89 9.17
CA ALA B 43 -32.14 -5.64 9.07
C ALA B 43 -32.61 -4.79 7.90
N THR B 44 -32.55 -3.47 8.07
CA THR B 44 -32.95 -2.56 7.02
C THR B 44 -31.73 -1.99 6.30
N TYR B 45 -31.95 -1.33 5.17
CA TYR B 45 -30.86 -0.78 4.40
C TYR B 45 -31.27 0.21 3.32
N ASP B 46 -30.25 0.85 2.75
CA ASP B 46 -30.43 1.79 1.66
C ASP B 46 -29.51 1.25 0.58
N VAL B 47 -29.73 1.64 -0.66
CA VAL B 47 -28.90 1.15 -1.76
C VAL B 47 -28.42 2.29 -2.65
N VAL B 48 -27.10 2.36 -2.83
CA VAL B 48 -26.51 3.38 -3.69
C VAL B 48 -25.75 2.66 -4.79
N THR B 49 -25.91 3.12 -6.02
CA THR B 49 -25.26 2.49 -7.17
C THR B 49 -24.07 3.28 -7.69
N VAL B 50 -22.94 2.62 -7.90
CA VAL B 50 -21.73 3.29 -8.43
C VAL B 50 -21.25 2.56 -9.69
N PRO B 51 -20.63 3.31 -10.62
CA PRO B 51 -20.14 2.74 -11.88
C PRO B 51 -19.16 1.56 -11.80
N GLY B 52 -18.09 1.69 -11.03
CA GLY B 52 -17.15 0.59 -10.95
C GLY B 52 -16.60 0.35 -9.55
N ALA B 53 -16.16 -0.88 -9.30
CA ALA B 53 -15.61 -1.24 -8.00
C ALA B 53 -14.65 -0.18 -7.46
N LEU B 54 -13.99 0.58 -8.34
CA LEU B 54 -13.05 1.60 -7.88
C LEU B 54 -13.66 2.73 -7.05
N GLU B 55 -14.93 3.04 -7.25
CA GLU B 55 -15.54 4.11 -6.47
C GLU B 55 -16.28 3.65 -5.21
N ILE B 56 -16.23 2.36 -4.91
CA ILE B 56 -16.92 1.85 -3.73
C ILE B 56 -16.33 2.46 -2.47
N PRO B 57 -15.01 2.36 -2.29
CA PRO B 57 -14.49 2.96 -1.05
C PRO B 57 -14.76 4.46 -0.88
N ALA B 58 -14.74 5.23 -1.95
CA ALA B 58 -15.00 6.65 -1.79
C ALA B 58 -16.47 6.87 -1.44
N THR B 59 -17.35 6.03 -1.95
CA THR B 59 -18.76 6.20 -1.66
C THR B 59 -19.04 5.99 -0.18
N ILE B 60 -18.40 5.00 0.43
CA ILE B 60 -18.62 4.76 1.84
C ILE B 60 -18.03 5.96 2.59
N SER B 61 -16.90 6.46 2.12
CA SER B 61 -16.27 7.64 2.72
C SER B 61 -17.32 8.77 2.73
N PHE B 62 -17.96 9.01 1.59
CA PHE B 62 -19.01 10.04 1.50
C PHE B 62 -20.07 9.84 2.58
N ALA B 63 -20.50 8.60 2.76
CA ALA B 63 -21.51 8.29 3.76
C ALA B 63 -21.06 8.68 5.16
N LEU B 64 -19.80 8.41 5.47
CA LEU B 64 -19.29 8.73 6.78
C LEU B 64 -19.34 10.24 7.00
N ASP B 65 -18.80 11.00 6.06
CA ASP B 65 -18.81 12.46 6.19
C ASP B 65 -20.22 13.03 6.38
N GLY B 66 -21.16 12.49 5.62
CA GLY B 66 -22.53 12.98 5.71
C GLY B 66 -23.07 12.81 7.12
N ALA B 67 -22.94 11.60 7.66
CA ALA B 67 -23.41 11.33 9.02
C ALA B 67 -22.84 12.37 9.98
N ASP B 68 -21.59 12.76 9.75
CA ASP B 68 -20.93 13.75 10.58
C ASP B 68 -21.39 15.15 10.22
N ASN B 69 -22.60 15.23 9.71
CA ASN B 69 -23.21 16.50 9.33
C ASN B 69 -24.69 16.35 9.62
N GLY B 70 -25.01 15.34 10.42
CA GLY B 70 -26.38 15.06 10.79
C GLY B 70 -27.07 14.15 9.81
N GLY B 71 -26.32 13.67 8.82
CA GLY B 71 -26.87 12.79 7.79
C GLY B 71 -27.14 11.39 8.31
N THR B 72 -27.63 10.52 7.44
CA THR B 72 -27.94 9.15 7.83
C THR B 72 -26.77 8.43 8.46
N GLU B 73 -27.05 7.72 9.55
CA GLU B 73 -26.02 6.97 10.24
C GLU B 73 -26.21 5.49 9.95
N TYR B 74 -25.21 4.83 9.38
CA TYR B 74 -25.32 3.40 9.09
C TYR B 74 -24.51 2.58 10.08
N ASP B 75 -24.98 1.36 10.39
CA ASP B 75 -24.27 0.51 11.33
C ASP B 75 -23.22 -0.34 10.62
N GLY B 76 -23.42 -0.52 9.32
CA GLY B 76 -22.49 -1.31 8.55
C GLY B 76 -22.67 -1.11 7.06
N PHE B 77 -21.67 -1.53 6.30
CA PHE B 77 -21.74 -1.42 4.86
C PHE B 77 -21.54 -2.78 4.24
N VAL B 78 -22.00 -2.93 3.01
CA VAL B 78 -21.86 -4.17 2.25
C VAL B 78 -21.40 -3.77 0.87
N ALA B 79 -20.22 -4.24 0.46
CA ALA B 79 -19.71 -3.93 -0.86
C ALA B 79 -20.05 -5.06 -1.84
N LEU B 80 -20.65 -4.70 -2.97
CA LEU B 80 -21.03 -5.66 -3.99
C LEU B 80 -20.43 -5.21 -5.31
N GLY B 81 -19.74 -6.12 -6.00
CA GLY B 81 -19.14 -5.78 -7.27
C GLY B 81 -18.59 -7.03 -7.93
N THR B 82 -18.19 -6.91 -9.20
CA THR B 82 -17.65 -8.05 -9.93
C THR B 82 -16.58 -7.59 -10.90
N VAL B 83 -15.42 -8.21 -10.83
CA VAL B 83 -14.33 -7.86 -11.75
C VAL B 83 -13.97 -9.12 -12.50
N ILE B 84 -14.03 -9.08 -13.82
CA ILE B 84 -13.72 -10.26 -14.62
C ILE B 84 -12.43 -10.11 -15.43
N ARG B 85 -11.58 -11.12 -15.33
CA ARG B 85 -10.28 -11.13 -15.99
C ARG B 85 -10.33 -11.20 -17.52
N GLY B 86 -9.88 -10.14 -18.17
CA GLY B 86 -9.85 -10.11 -19.63
C GLY B 86 -8.44 -10.38 -20.12
N GLU B 87 -7.89 -9.47 -20.91
CA GLU B 87 -6.53 -9.61 -21.44
C GLU B 87 -5.67 -8.45 -20.96
N THR B 88 -6.32 -7.50 -20.28
CA THR B 88 -5.65 -6.31 -19.80
C THR B 88 -5.35 -6.34 -18.30
N TYR B 89 -4.21 -5.78 -17.93
CA TYR B 89 -3.74 -5.72 -16.53
C TYR B 89 -4.72 -4.96 -15.64
N HIS B 90 -5.57 -4.14 -16.25
CA HIS B 90 -6.56 -3.35 -15.54
C HIS B 90 -7.30 -4.19 -14.48
N PHE B 91 -7.51 -5.47 -14.79
CA PHE B 91 -8.22 -6.40 -13.90
C PHE B 91 -7.62 -6.44 -12.51
N ASP B 92 -6.29 -6.53 -12.44
CA ASP B 92 -5.59 -6.57 -11.17
C ASP B 92 -5.81 -5.25 -10.43
N ILE B 93 -5.55 -4.15 -11.13
CA ILE B 93 -5.70 -2.82 -10.56
C ILE B 93 -7.09 -2.55 -9.97
N VAL B 94 -8.13 -2.83 -10.75
CA VAL B 94 -9.48 -2.61 -10.25
C VAL B 94 -9.75 -3.51 -9.06
N SER B 95 -9.20 -4.72 -9.10
CA SER B 95 -9.39 -5.68 -8.00
C SER B 95 -8.55 -5.31 -6.79
N ASN B 96 -7.30 -4.95 -7.03
CA ASN B 96 -6.39 -4.59 -5.95
C ASN B 96 -6.76 -3.31 -5.22
N GLU B 97 -7.02 -2.24 -5.97
CA GLU B 97 -7.35 -0.96 -5.36
C GLU B 97 -8.67 -0.90 -4.61
N SER B 98 -9.70 -1.52 -5.16
CA SER B 98 -10.98 -1.50 -4.47
C SER B 98 -10.90 -2.26 -3.16
N CYS B 99 -10.36 -3.47 -3.18
CA CYS B 99 -10.26 -4.26 -1.96
C CYS B 99 -9.20 -3.72 -0.99
N ARG B 100 -8.17 -3.09 -1.53
CA ARG B 100 -7.13 -2.51 -0.68
C ARG B 100 -7.75 -1.36 0.12
N ALA B 101 -8.30 -0.38 -0.60
CA ALA B 101 -8.89 0.79 0.05
C ALA B 101 -10.07 0.43 0.94
N LEU B 102 -10.73 -0.68 0.65
CA LEU B 102 -11.87 -1.11 1.44
C LEU B 102 -11.43 -1.65 2.79
N THR B 103 -10.31 -2.35 2.81
CA THR B 103 -9.80 -2.93 4.05
C THR B 103 -9.21 -1.82 4.93
N ASP B 104 -8.44 -0.92 4.33
CA ASP B 104 -7.86 0.18 5.10
C ASP B 104 -8.95 0.97 5.79
N LEU B 105 -10.07 1.12 5.10
CA LEU B 105 -11.22 1.86 5.58
C LEU B 105 -11.87 1.22 6.79
N SER B 106 -12.01 -0.09 6.77
CA SER B 106 -12.64 -0.79 7.88
C SER B 106 -11.81 -0.64 9.15
N VAL B 107 -10.49 -0.57 8.98
CA VAL B 107 -9.60 -0.45 10.13
C VAL B 107 -9.48 0.98 10.60
N GLU B 108 -9.10 1.88 9.71
CA GLU B 108 -8.92 3.29 10.09
C GLU B 108 -10.16 4.01 10.61
N GLU B 109 -11.35 3.58 10.17
CA GLU B 109 -12.60 4.20 10.63
C GLU B 109 -13.34 3.28 11.62
N SER B 110 -12.82 2.07 11.84
CA SER B 110 -13.44 1.10 12.74
C SER B 110 -14.92 0.83 12.44
N ILE B 111 -15.23 0.44 11.20
CA ILE B 111 -16.60 0.16 10.78
C ILE B 111 -16.73 -1.30 10.36
N ALA B 112 -17.94 -1.81 10.35
CA ALA B 112 -18.16 -3.20 9.94
C ALA B 112 -18.38 -3.27 8.43
N ILE B 113 -17.49 -3.95 7.70
CA ILE B 113 -17.64 -4.05 6.24
C ILE B 113 -17.66 -5.48 5.70
N GLY B 114 -18.70 -5.81 4.94
CA GLY B 114 -18.81 -7.14 4.35
C GLY B 114 -18.36 -6.95 2.92
N ASN B 115 -17.30 -7.65 2.53
CA ASN B 115 -16.73 -7.55 1.17
C ASN B 115 -17.28 -8.54 0.16
N GLY B 116 -18.20 -8.08 -0.69
CA GLY B 116 -18.77 -8.96 -1.69
C GLY B 116 -18.35 -8.59 -3.10
N ILE B 117 -17.07 -8.28 -3.29
CA ILE B 117 -16.55 -7.92 -4.62
C ILE B 117 -15.83 -9.10 -5.28
N LEU B 118 -16.49 -9.74 -6.23
CA LEU B 118 -15.94 -10.89 -6.95
C LEU B 118 -14.73 -10.54 -7.81
N THR B 119 -13.80 -11.47 -7.93
CA THR B 119 -12.59 -11.28 -8.74
C THR B 119 -12.31 -12.58 -9.48
N VAL B 120 -13.21 -12.94 -10.38
CA VAL B 120 -13.08 -14.16 -11.13
C VAL B 120 -12.34 -13.99 -12.45
N GLU B 121 -12.13 -15.12 -13.14
CA GLU B 121 -11.43 -15.13 -14.42
C GLU B 121 -12.38 -15.08 -15.62
N ASN B 122 -13.63 -15.48 -15.41
CA ASN B 122 -14.62 -15.44 -16.48
C ASN B 122 -16.08 -15.46 -15.99
N GLU B 123 -16.99 -15.06 -16.87
CA GLU B 123 -18.42 -14.99 -16.56
C GLU B 123 -18.93 -16.27 -15.91
N GLU B 124 -18.31 -17.39 -16.26
CA GLU B 124 -18.68 -18.70 -15.72
C GLU B 124 -18.56 -18.67 -14.20
N GLN B 125 -17.32 -18.45 -13.74
CA GLN B 125 -17.02 -18.37 -12.32
C GLN B 125 -17.87 -17.34 -11.60
N ALA B 126 -18.06 -16.18 -12.23
CA ALA B 126 -18.86 -15.13 -11.65
C ALA B 126 -20.25 -15.63 -11.23
N TRP B 127 -21.02 -16.17 -12.17
CA TRP B 127 -22.37 -16.67 -11.86
C TRP B 127 -22.44 -17.70 -10.73
N VAL B 128 -21.46 -18.58 -10.64
CA VAL B 128 -21.47 -19.59 -9.59
C VAL B 128 -21.41 -18.93 -8.22
N ARG B 129 -20.73 -17.80 -8.16
CA ARG B 129 -20.57 -17.06 -6.91
C ARG B 129 -21.67 -16.02 -6.75
N ALA B 130 -22.07 -15.40 -7.87
CA ALA B 130 -23.11 -14.38 -7.84
C ALA B 130 -24.48 -14.94 -7.45
N ARG B 131 -24.87 -16.08 -8.02
CA ARG B 131 -26.18 -16.67 -7.75
C ARG B 131 -26.43 -16.97 -6.26
N ARG B 132 -27.63 -16.63 -5.81
CA ARG B 132 -28.02 -16.88 -4.44
C ARG B 132 -28.30 -18.37 -4.26
N GLU B 133 -28.92 -18.97 -5.26
CA GLU B 133 -29.25 -20.39 -5.21
C GLU B 133 -27.96 -21.20 -5.33
N ASP B 134 -26.87 -20.52 -5.66
CA ASP B 134 -25.55 -21.16 -5.80
C ASP B 134 -24.68 -20.77 -4.60
N LYS B 135 -23.46 -20.29 -4.87
CA LYS B 135 -22.53 -19.90 -3.81
C LYS B 135 -22.90 -18.61 -3.10
N ASP B 136 -24.01 -17.99 -3.49
CA ASP B 136 -24.48 -16.72 -2.90
C ASP B 136 -23.47 -15.88 -2.11
N LYS B 137 -22.48 -15.34 -2.81
CA LYS B 137 -21.46 -14.52 -2.17
C LYS B 137 -22.03 -13.17 -1.72
N GLY B 138 -23.12 -12.75 -2.35
CA GLY B 138 -23.73 -11.48 -1.98
C GLY B 138 -24.33 -11.61 -0.61
N GLY B 139 -24.89 -12.80 -0.33
CA GLY B 139 -25.49 -13.06 0.96
C GLY B 139 -24.40 -13.32 1.98
N PHE B 140 -23.30 -13.93 1.55
CA PHE B 140 -22.22 -14.17 2.49
C PHE B 140 -21.64 -12.86 2.97
N ALA B 141 -21.57 -11.88 2.06
CA ALA B 141 -21.03 -10.58 2.40
C ALA B 141 -21.97 -9.84 3.36
N ALA B 142 -23.27 -9.89 3.11
CA ALA B 142 -24.22 -9.22 3.97
C ALA B 142 -24.10 -9.84 5.37
N ARG B 143 -24.05 -11.16 5.43
CA ARG B 143 -23.93 -11.88 6.68
C ARG B 143 -22.66 -11.46 7.43
N ALA B 144 -21.54 -11.41 6.73
CA ALA B 144 -20.29 -11.02 7.37
C ALA B 144 -20.42 -9.62 8.01
N ALA B 145 -21.07 -8.71 7.27
CA ALA B 145 -21.28 -7.36 7.76
C ALA B 145 -22.08 -7.41 9.06
N LEU B 146 -23.12 -8.25 9.06
CA LEU B 146 -23.95 -8.39 10.25
C LEU B 146 -23.07 -8.91 11.38
N THR B 147 -22.30 -9.95 11.09
CA THR B 147 -21.38 -10.53 12.07
C THR B 147 -20.48 -9.44 12.64
N MET B 148 -19.88 -8.65 11.77
CA MET B 148 -18.99 -7.61 12.25
C MET B 148 -19.77 -6.58 13.07
N ILE B 149 -20.98 -6.24 12.61
CA ILE B 149 -21.79 -5.29 13.37
C ILE B 149 -21.95 -5.82 14.80
N GLY B 150 -22.00 -7.14 14.93
CA GLY B 150 -22.14 -7.76 16.23
C GLY B 150 -20.91 -7.62 17.12
N LEU B 151 -19.75 -7.95 16.58
CA LEU B 151 -18.50 -7.87 17.33
C LEU B 151 -18.15 -6.44 17.73
N ARG B 152 -18.54 -5.51 16.87
CA ARG B 152 -18.29 -4.10 17.10
C ARG B 152 -19.00 -3.73 18.40
N LYS B 153 -20.21 -4.25 18.61
CA LYS B 153 -20.96 -4.00 19.83
C LYS B 153 -20.36 -4.74 21.02
N LYS B 154 -20.15 -6.04 20.84
CA LYS B 154 -19.58 -6.88 21.89
C LYS B 154 -18.30 -6.30 22.51
N PHE B 155 -17.49 -5.62 21.70
CA PHE B 155 -16.25 -5.03 22.17
C PHE B 155 -16.44 -3.65 22.81
N GLY B 156 -17.50 -2.97 22.42
CA GLY B 156 -17.76 -1.64 22.96
C GLY B 156 -17.07 -0.61 22.09
N ALA B 157 -16.72 -1.02 20.87
CA ALA B 157 -16.06 -0.14 19.92
C ALA B 157 -16.95 1.09 19.71
N ALA C 12 0.40 -12.45 34.24
CA ALA C 12 0.17 -13.36 33.08
C ALA C 12 -0.48 -12.58 31.95
N PRO C 13 0.14 -12.57 30.77
CA PRO C 13 -0.42 -11.84 29.62
C PRO C 13 -1.75 -12.43 29.19
N HIS C 14 -2.66 -11.55 28.80
CA HIS C 14 -3.99 -11.94 28.36
C HIS C 14 -4.19 -11.50 26.90
N LEU C 15 -4.12 -12.47 25.97
CA LEU C 15 -4.25 -12.15 24.56
C LEU C 15 -5.65 -12.40 23.99
N LEU C 16 -5.84 -11.88 22.78
CA LEU C 16 -7.08 -12.04 22.06
C LEU C 16 -6.77 -12.83 20.78
N ILE C 17 -7.40 -14.00 20.65
CA ILE C 17 -7.19 -14.82 19.46
C ILE C 17 -8.32 -14.51 18.48
N VAL C 18 -7.97 -13.91 17.36
CA VAL C 18 -8.98 -13.58 16.36
C VAL C 18 -8.84 -14.55 15.20
N GLU C 19 -9.74 -15.51 15.13
CA GLU C 19 -9.71 -16.53 14.09
C GLU C 19 -10.69 -16.33 12.94
N ALA C 20 -10.19 -16.48 11.73
CA ALA C 20 -11.02 -16.37 10.56
C ALA C 20 -11.42 -17.83 10.27
N ARG C 21 -12.67 -18.17 10.54
CA ARG C 21 -13.20 -19.51 10.32
C ARG C 21 -13.84 -19.70 8.92
N PHE C 22 -13.01 -19.94 7.91
CA PHE C 22 -13.54 -20.14 6.57
C PHE C 22 -13.63 -21.65 6.37
N TYR C 23 -12.50 -22.32 6.52
CA TYR C 23 -12.43 -23.76 6.43
C TYR C 23 -12.51 -24.24 7.87
N ASP C 24 -13.71 -24.56 8.34
CA ASP C 24 -13.90 -24.97 9.71
C ASP C 24 -12.89 -25.97 10.28
N ASP C 25 -12.58 -27.03 9.54
CA ASP C 25 -11.64 -28.02 10.06
C ASP C 25 -10.23 -27.52 10.26
N LEU C 26 -9.71 -26.77 9.28
CA LEU C 26 -8.37 -26.20 9.38
C LEU C 26 -8.38 -25.15 10.49
N ALA C 27 -9.48 -24.43 10.63
CA ALA C 27 -9.59 -23.42 11.67
C ALA C 27 -9.34 -24.12 12.99
N ASP C 28 -9.99 -25.27 13.20
CA ASP C 28 -9.79 -26.02 14.43
C ASP C 28 -8.32 -26.39 14.63
N ALA C 29 -7.68 -26.88 13.57
CA ALA C 29 -6.28 -27.27 13.66
C ALA C 29 -5.42 -26.11 14.19
N LEU C 30 -5.57 -24.94 13.59
CA LEU C 30 -4.80 -23.75 13.97
C LEU C 30 -5.12 -23.28 15.37
N LEU C 31 -6.40 -23.22 15.70
CA LEU C 31 -6.79 -22.76 17.04
C LEU C 31 -6.17 -23.66 18.08
N ASP C 32 -6.36 -24.97 17.89
CA ASP C 32 -5.81 -25.97 18.80
C ASP C 32 -4.32 -25.70 18.92
N GLY C 33 -3.66 -25.49 17.79
CA GLY C 33 -2.24 -25.24 17.81
C GLY C 33 -1.91 -24.03 18.66
N ALA C 34 -2.62 -22.93 18.44
CA ALA C 34 -2.38 -21.69 19.17
C ALA C 34 -2.75 -21.78 20.66
N LYS C 35 -3.89 -22.38 20.99
CA LYS C 35 -4.28 -22.50 22.40
C LYS C 35 -3.26 -23.28 23.21
N ALA C 36 -2.55 -24.20 22.58
CA ALA C 36 -1.56 -24.99 23.32
C ALA C 36 -0.30 -24.18 23.67
N ALA C 37 0.17 -23.39 22.71
CA ALA C 37 1.37 -22.58 22.92
C ALA C 37 1.18 -21.57 24.06
N LEU C 38 -0.01 -21.01 24.16
CA LEU C 38 -0.31 -20.05 25.21
C LEU C 38 -0.51 -20.77 26.55
N ASP C 39 -1.21 -21.89 26.54
CA ASP C 39 -1.40 -22.61 27.79
C ASP C 39 -0.05 -22.98 28.36
N GLU C 40 0.83 -23.52 27.53
CA GLU C 40 2.15 -23.91 28.02
C GLU C 40 2.90 -22.71 28.54
N ALA C 41 2.46 -21.52 28.14
CA ALA C 41 3.10 -20.27 28.55
C ALA C 41 2.43 -19.67 29.75
N GLY C 42 1.35 -20.30 30.19
CA GLY C 42 0.62 -19.80 31.33
C GLY C 42 -0.07 -18.51 30.97
N ALA C 43 -0.22 -18.23 29.68
CA ALA C 43 -0.90 -17.01 29.25
C ALA C 43 -2.40 -17.24 29.16
N THR C 44 -3.18 -16.21 29.44
CA THR C 44 -4.63 -16.33 29.34
C THR C 44 -5.11 -15.71 28.04
N TYR C 45 -6.32 -16.03 27.63
CA TYR C 45 -6.82 -15.48 26.38
C TYR C 45 -8.33 -15.53 26.20
N ASP C 46 -8.79 -14.87 25.14
CA ASP C 46 -10.19 -14.85 24.75
C ASP C 46 -10.18 -15.19 23.26
N VAL C 47 -11.20 -15.89 22.78
CA VAL C 47 -11.28 -16.24 21.37
C VAL C 47 -12.50 -15.59 20.73
N VAL C 48 -12.30 -14.98 19.57
CA VAL C 48 -13.40 -14.36 18.83
C VAL C 48 -13.35 -14.85 17.38
N THR C 49 -14.52 -15.01 16.77
CA THR C 49 -14.61 -15.55 15.42
C THR C 49 -15.16 -14.63 14.33
N VAL C 50 -14.45 -14.53 13.20
CA VAL C 50 -14.91 -13.73 12.05
C VAL C 50 -15.03 -14.64 10.84
N PRO C 51 -15.94 -14.30 9.91
CA PRO C 51 -16.17 -15.09 8.70
C PRO C 51 -14.97 -15.37 7.81
N GLY C 52 -14.17 -14.35 7.51
CA GLY C 52 -13.02 -14.56 6.66
C GLY C 52 -11.84 -13.70 7.05
N ALA C 53 -10.68 -14.00 6.47
CA ALA C 53 -9.46 -13.27 6.78
C ALA C 53 -9.53 -11.76 6.60
N LEU C 54 -10.43 -11.27 5.74
CA LEU C 54 -10.56 -9.82 5.52
C LEU C 54 -11.07 -9.02 6.71
N GLU C 55 -11.83 -9.66 7.61
CA GLU C 55 -12.33 -8.93 8.76
C GLU C 55 -11.47 -9.07 10.02
N ILE C 56 -10.37 -9.81 9.93
CA ILE C 56 -9.48 -9.98 11.07
C ILE C 56 -8.92 -8.62 11.54
N PRO C 57 -8.33 -7.84 10.62
CA PRO C 57 -7.79 -6.55 11.08
C PRO C 57 -8.82 -5.62 11.73
N ALA C 58 -9.95 -5.38 11.07
CA ALA C 58 -10.97 -4.49 11.65
C ALA C 58 -11.43 -4.97 13.02
N THR C 59 -11.33 -6.27 13.24
CA THR C 59 -11.73 -6.85 14.52
C THR C 59 -10.74 -6.42 15.61
N ILE C 60 -9.44 -6.50 15.33
CA ILE C 60 -8.45 -6.10 16.32
C ILE C 60 -8.64 -4.61 16.56
N SER C 61 -9.05 -3.88 15.53
CA SER C 61 -9.31 -2.45 15.64
C SER C 61 -10.47 -2.23 16.60
N PHE C 62 -11.50 -3.06 16.51
CA PHE C 62 -12.65 -2.95 17.41
C PHE C 62 -12.17 -3.18 18.83
N ALA C 63 -11.32 -4.19 19.01
CA ALA C 63 -10.80 -4.52 20.34
C ALA C 63 -10.15 -3.31 21.01
N LEU C 64 -9.25 -2.65 20.29
CA LEU C 64 -8.55 -1.47 20.78
C LEU C 64 -9.54 -0.35 21.17
N ASP C 65 -10.55 -0.16 20.32
CA ASP C 65 -11.57 0.86 20.54
C ASP C 65 -12.36 0.55 21.82
N GLY C 66 -12.78 -0.69 21.96
CA GLY C 66 -13.54 -1.06 23.15
C GLY C 66 -12.70 -0.90 24.40
N ALA C 67 -11.39 -1.07 24.26
CA ALA C 67 -10.50 -0.93 25.39
C ALA C 67 -10.45 0.54 25.78
N ASP C 68 -10.18 1.41 24.80
CA ASP C 68 -10.11 2.85 25.09
C ASP C 68 -11.34 3.34 25.85
N ASN C 69 -12.43 2.59 25.76
CA ASN C 69 -13.66 2.94 26.44
C ASN C 69 -13.87 2.12 27.71
N GLY C 70 -12.77 1.79 28.38
CA GLY C 70 -12.84 1.02 29.61
C GLY C 70 -13.03 -0.48 29.39
N GLY C 71 -13.10 -0.89 28.13
CA GLY C 71 -13.28 -2.30 27.81
C GLY C 71 -12.10 -3.17 28.19
N THR C 72 -12.15 -4.43 27.77
CA THR C 72 -11.08 -5.38 28.04
C THR C 72 -9.76 -4.92 27.43
N GLU C 73 -8.68 -5.01 28.21
CA GLU C 73 -7.36 -4.59 27.76
C GLU C 73 -6.55 -5.84 27.38
N TYR C 74 -6.04 -5.89 26.17
CA TYR C 74 -5.26 -7.06 25.76
C TYR C 74 -3.78 -6.71 25.60
N ASP C 75 -2.92 -7.62 26.02
CA ASP C 75 -1.47 -7.43 25.94
C ASP C 75 -0.95 -7.70 24.53
N GLY C 76 -1.70 -8.48 23.75
CA GLY C 76 -1.30 -8.82 22.40
C GLY C 76 -2.42 -9.54 21.66
N PHE C 77 -2.20 -9.83 20.39
CA PHE C 77 -3.22 -10.51 19.58
C PHE C 77 -2.62 -11.61 18.75
N VAL C 78 -3.40 -12.67 18.52
CA VAL C 78 -2.92 -13.77 17.70
C VAL C 78 -3.90 -13.85 16.55
N ALA C 79 -3.40 -13.71 15.33
CA ALA C 79 -4.27 -13.77 14.15
C ALA C 79 -4.22 -15.17 13.53
N LEU C 80 -5.38 -15.80 13.44
CA LEU C 80 -5.48 -17.13 12.86
C LEU C 80 -6.34 -17.07 11.61
N GLY C 81 -5.90 -17.77 10.57
CA GLY C 81 -6.65 -17.79 9.32
C GLY C 81 -6.01 -18.68 8.27
N THR C 82 -6.74 -18.88 7.17
CA THR C 82 -6.24 -19.71 6.07
C THR C 82 -6.83 -19.31 4.73
N VAL C 83 -5.94 -19.12 3.76
CA VAL C 83 -6.33 -18.74 2.41
C VAL C 83 -5.67 -19.73 1.46
N ILE C 84 -6.48 -20.51 0.76
CA ILE C 84 -6.00 -21.53 -0.19
C ILE C 84 -6.35 -21.12 -1.59
N ARG C 85 -5.34 -21.02 -2.45
CA ARG C 85 -5.54 -20.61 -3.84
C ARG C 85 -6.46 -21.51 -4.66
N GLY C 86 -7.55 -20.92 -5.15
CA GLY C 86 -8.49 -21.67 -5.96
C GLY C 86 -8.10 -21.52 -7.41
N GLU C 87 -9.07 -21.16 -8.25
CA GLU C 87 -8.80 -20.99 -9.66
C GLU C 87 -8.87 -19.49 -9.97
N THR C 88 -9.40 -18.74 -9.01
CA THR C 88 -9.60 -17.29 -9.11
C THR C 88 -8.55 -16.45 -8.37
N TYR C 89 -8.42 -15.20 -8.80
CA TYR C 89 -7.48 -14.23 -8.21
C TYR C 89 -7.89 -13.76 -6.82
N HIS C 90 -9.07 -14.17 -6.36
CA HIS C 90 -9.57 -13.80 -5.04
C HIS C 90 -8.52 -14.15 -3.99
N PHE C 91 -7.83 -15.26 -4.21
CA PHE C 91 -6.77 -15.75 -3.31
C PHE C 91 -5.75 -14.66 -2.98
N ASP C 92 -5.23 -14.00 -4.00
CA ASP C 92 -4.24 -12.95 -3.81
C ASP C 92 -4.80 -11.79 -3.00
N ILE C 93 -6.00 -11.35 -3.34
CA ILE C 93 -6.64 -10.23 -2.66
C ILE C 93 -6.82 -10.46 -1.16
N VAL C 94 -7.50 -11.55 -0.81
CA VAL C 94 -7.73 -11.89 0.58
C VAL C 94 -6.40 -11.99 1.31
N SER C 95 -5.43 -12.66 0.69
CA SER C 95 -4.11 -12.82 1.29
C SER C 95 -3.43 -11.47 1.49
N ASN C 96 -3.19 -10.75 0.40
CA ASN C 96 -2.55 -9.45 0.43
C ASN C 96 -3.11 -8.48 1.46
N GLU C 97 -4.38 -8.14 1.27
CA GLU C 97 -5.08 -7.18 2.10
C GLU C 97 -5.22 -7.49 3.58
N SER C 98 -5.42 -8.76 3.92
CA SER C 98 -5.56 -9.11 5.32
C SER C 98 -4.19 -8.97 5.96
N CYS C 99 -3.15 -9.43 5.28
CA CYS C 99 -1.80 -9.36 5.84
C CYS C 99 -1.18 -7.97 5.84
N ARG C 100 -1.41 -7.24 4.77
CA ARG C 100 -0.89 -5.89 4.66
C ARG C 100 -1.48 -5.02 5.77
N ALA C 101 -2.80 -5.05 5.89
CA ALA C 101 -3.49 -4.26 6.89
C ALA C 101 -3.03 -4.65 8.29
N LEU C 102 -2.93 -5.95 8.53
CA LEU C 102 -2.51 -6.47 9.83
C LEU C 102 -1.11 -5.96 10.19
N THR C 103 -0.26 -5.80 9.19
CA THR C 103 1.09 -5.32 9.44
C THR C 103 1.07 -3.85 9.85
N ASP C 104 0.40 -3.01 9.05
CA ASP C 104 0.32 -1.58 9.38
C ASP C 104 -0.12 -1.41 10.82
N LEU C 105 -1.22 -2.06 11.16
CA LEU C 105 -1.78 -1.97 12.50
C LEU C 105 -0.73 -2.19 13.60
N SER C 106 0.01 -3.28 13.54
CA SER C 106 1.04 -3.56 14.55
C SER C 106 1.96 -2.36 14.74
N VAL C 107 2.25 -1.65 13.66
CA VAL C 107 3.11 -0.48 13.70
C VAL C 107 2.42 0.81 14.13
N GLU C 108 1.27 1.09 13.54
CA GLU C 108 0.52 2.30 13.84
C GLU C 108 0.00 2.38 15.27
N GLU C 109 -0.29 1.24 15.88
CA GLU C 109 -0.80 1.24 17.24
C GLU C 109 0.20 0.67 18.23
N SER C 110 1.38 0.32 17.73
CA SER C 110 2.44 -0.27 18.55
C SER C 110 1.96 -1.47 19.37
N ILE C 111 1.31 -2.42 18.72
CA ILE C 111 0.81 -3.62 19.40
C ILE C 111 1.53 -4.90 18.97
N ALA C 112 1.48 -5.91 19.83
CA ALA C 112 2.11 -7.21 19.55
C ALA C 112 1.11 -8.13 18.86
N ILE C 113 1.45 -8.58 17.66
CA ILE C 113 0.58 -9.45 16.88
C ILE C 113 1.30 -10.66 16.31
N GLY C 114 0.70 -11.82 16.47
CA GLY C 114 1.29 -13.03 15.91
C GLY C 114 0.50 -13.32 14.65
N ASN C 115 1.17 -13.25 13.49
CA ASN C 115 0.49 -13.48 12.22
C ASN C 115 0.36 -14.96 11.84
N GLY C 116 -0.82 -15.53 12.05
CA GLY C 116 -1.06 -16.92 11.75
C GLY C 116 -2.00 -17.11 10.56
N ILE C 117 -1.83 -16.29 9.53
CA ILE C 117 -2.67 -16.40 8.36
C ILE C 117 -1.98 -17.14 7.22
N LEU C 118 -2.36 -18.41 7.03
CA LEU C 118 -1.78 -19.25 5.99
C LEU C 118 -2.15 -18.75 4.59
N THR C 119 -1.19 -18.84 3.69
CA THR C 119 -1.36 -18.40 2.30
C THR C 119 -0.94 -19.57 1.39
N VAL C 120 -1.67 -20.67 1.45
CA VAL C 120 -1.28 -21.83 0.66
C VAL C 120 -1.90 -22.05 -0.70
N GLU C 121 -1.20 -22.84 -1.51
CA GLU C 121 -1.60 -23.18 -2.88
C GLU C 121 -2.68 -24.27 -2.94
N ASN C 122 -2.55 -25.28 -2.09
CA ASN C 122 -3.49 -26.39 -2.07
C ASN C 122 -3.88 -26.79 -0.65
N GLU C 123 -4.87 -27.68 -0.53
CA GLU C 123 -5.35 -28.16 0.77
C GLU C 123 -4.26 -28.92 1.53
N GLU C 124 -3.33 -29.55 0.82
CA GLU C 124 -2.26 -30.29 1.47
C GLU C 124 -1.33 -29.36 2.26
N GLN C 125 -0.88 -28.29 1.61
CA GLN C 125 0.01 -27.33 2.27
C GLN C 125 -0.72 -26.74 3.45
N ALA C 126 -2.03 -26.60 3.32
CA ALA C 126 -2.88 -26.05 4.37
C ALA C 126 -2.88 -26.96 5.59
N TRP C 127 -2.90 -28.27 5.37
CA TRP C 127 -2.89 -29.23 6.48
C TRP C 127 -1.53 -29.43 7.14
N VAL C 128 -0.44 -29.21 6.39
CA VAL C 128 0.90 -29.39 6.93
C VAL C 128 1.36 -28.26 7.84
N ARG C 129 0.79 -27.08 7.66
CA ARG C 129 1.15 -25.92 8.48
C ARG C 129 0.15 -25.69 9.60
N ALA C 130 -1.08 -26.14 9.39
CA ALA C 130 -2.14 -25.98 10.37
C ALA C 130 -2.10 -27.02 11.48
N ARG C 131 -1.38 -28.12 11.28
CA ARG C 131 -1.31 -29.18 12.30
C ARG C 131 -0.24 -28.96 13.36
N ARG C 132 -0.64 -29.10 14.63
CA ARG C 132 0.28 -28.96 15.73
C ARG C 132 1.37 -30.02 15.55
N GLU C 133 0.97 -31.18 15.05
CA GLU C 133 1.88 -32.29 14.83
C GLU C 133 2.87 -32.04 13.69
N ASP C 134 2.57 -31.07 12.85
CA ASP C 134 3.44 -30.74 11.72
C ASP C 134 4.14 -29.41 11.94
N LYS C 135 3.99 -28.49 10.97
CA LYS C 135 4.60 -27.17 11.04
C LYS C 135 4.03 -26.32 12.17
N ASP C 136 2.83 -26.66 12.61
CA ASP C 136 2.18 -25.94 13.71
C ASP C 136 2.31 -24.41 13.61
N LYS C 137 1.81 -23.84 12.53
CA LYS C 137 1.89 -22.39 12.36
C LYS C 137 0.87 -21.67 13.24
N GLY C 138 -0.01 -22.43 13.87
CA GLY C 138 -0.99 -21.84 14.76
C GLY C 138 -0.29 -21.47 16.05
N GLY C 139 0.54 -22.38 16.57
CA GLY C 139 1.29 -22.12 17.79
C GLY C 139 2.46 -21.17 17.59
N PHE C 140 3.06 -21.24 16.41
CA PHE C 140 4.18 -20.38 16.04
C PHE C 140 3.79 -18.90 16.12
N ALA C 141 2.54 -18.61 15.80
CA ALA C 141 2.04 -17.22 15.83
C ALA C 141 1.75 -16.81 17.27
N ALA C 142 1.38 -17.78 18.09
CA ALA C 142 1.07 -17.52 19.50
C ALA C 142 2.37 -17.19 20.21
N ARG C 143 3.39 -17.99 19.95
CA ARG C 143 4.68 -17.75 20.56
C ARG C 143 5.24 -16.42 20.06
N ALA C 144 5.12 -16.18 18.77
CA ALA C 144 5.62 -14.94 18.17
C ALA C 144 4.99 -13.75 18.88
N ALA C 145 3.69 -13.84 19.15
CA ALA C 145 2.96 -12.77 19.81
C ALA C 145 3.48 -12.62 21.24
N LEU C 146 3.71 -13.77 21.91
CA LEU C 146 4.23 -13.72 23.28
C LEU C 146 5.57 -13.00 23.24
N THR C 147 6.44 -13.40 22.31
CA THR C 147 7.74 -12.75 22.16
C THR C 147 7.57 -11.25 21.94
N MET C 148 6.69 -10.88 21.02
CA MET C 148 6.49 -9.46 20.75
C MET C 148 6.00 -8.75 21.99
N ILE C 149 5.16 -9.42 22.78
CA ILE C 149 4.65 -8.81 24.01
C ILE C 149 5.80 -8.48 24.93
N GLY C 150 6.74 -9.41 25.01
CA GLY C 150 7.90 -9.21 25.85
C GLY C 150 8.73 -8.03 25.41
N LEU C 151 8.90 -7.88 24.09
CA LEU C 151 9.67 -6.78 23.57
C LEU C 151 9.02 -5.44 23.86
N ARG C 152 7.71 -5.39 23.71
CA ARG C 152 7.00 -4.16 23.95
C ARG C 152 7.33 -3.69 25.38
N LYS C 153 7.30 -4.62 26.33
CA LYS C 153 7.61 -4.26 27.70
C LYS C 153 9.06 -3.81 27.84
N LYS C 154 10.01 -4.65 27.42
CA LYS C 154 11.41 -4.28 27.54
C LYS C 154 11.74 -2.90 26.96
N PHE C 155 10.90 -2.42 26.06
CA PHE C 155 11.14 -1.12 25.46
C PHE C 155 10.27 -0.07 26.14
N GLY C 156 9.55 -0.47 27.17
CA GLY C 156 8.68 0.47 27.84
C GLY C 156 7.94 1.30 26.81
N ALA C 157 7.41 0.63 25.80
CA ALA C 157 6.68 1.31 24.72
C ALA C 157 5.25 1.64 25.15
N ASP D 11 30.09 12.58 19.55
CA ASP D 11 29.90 11.17 20.05
C ASP D 11 29.54 10.23 18.89
N ALA D 12 29.81 8.94 19.08
CA ALA D 12 29.52 7.91 18.07
C ALA D 12 28.05 7.51 18.05
N PRO D 13 27.54 7.15 16.86
CA PRO D 13 26.14 6.74 16.74
C PRO D 13 25.84 5.41 17.45
N HIS D 14 24.61 5.30 17.96
CA HIS D 14 24.18 4.11 18.66
C HIS D 14 23.00 3.52 17.90
N LEU D 15 23.22 2.38 17.26
CA LEU D 15 22.20 1.70 16.48
C LEU D 15 21.46 0.59 17.22
N LEU D 16 20.31 0.23 16.67
CA LEU D 16 19.50 -0.86 17.18
C LEU D 16 19.40 -1.83 16.02
N ILE D 17 20.00 -3.02 16.17
CA ILE D 17 19.95 -4.03 15.12
C ILE D 17 18.76 -4.93 15.38
N VAL D 18 17.73 -4.82 14.53
CA VAL D 18 16.55 -5.66 14.68
C VAL D 18 16.65 -6.83 13.70
N GLU D 19 16.98 -8.01 14.23
CA GLU D 19 17.13 -9.20 13.39
C GLU D 19 15.96 -10.17 13.45
N ALA D 20 15.53 -10.66 12.29
CA ALA D 20 14.47 -11.65 12.25
C ALA D 20 15.21 -12.98 12.21
N ARG D 21 15.03 -13.80 13.24
CA ARG D 21 15.73 -15.06 13.30
C ARG D 21 14.82 -16.25 12.97
N PHE D 22 14.70 -16.56 11.68
CA PHE D 22 13.88 -17.66 11.21
C PHE D 22 14.84 -18.77 10.80
N TYR D 23 15.90 -18.39 10.07
CA TYR D 23 16.94 -19.34 9.65
C TYR D 23 18.16 -18.97 10.47
N ASP D 24 18.30 -19.57 11.64
CA ASP D 24 19.41 -19.25 12.54
C ASP D 24 20.78 -19.09 11.89
N ASP D 25 21.18 -20.06 11.09
CA ASP D 25 22.48 -20.01 10.44
C ASP D 25 22.70 -18.82 9.49
N LEU D 26 21.67 -18.43 8.74
CA LEU D 26 21.76 -17.29 7.83
C LEU D 26 21.70 -16.01 8.66
N ALA D 27 20.95 -16.08 9.76
CA ALA D 27 20.81 -14.96 10.67
C ALA D 27 22.18 -14.53 11.16
N ASP D 28 23.00 -15.52 11.52
CA ASP D 28 24.35 -15.24 12.01
C ASP D 28 25.20 -14.63 10.93
N ALA D 29 25.03 -15.10 9.71
CA ALA D 29 25.80 -14.58 8.59
C ALA D 29 25.56 -13.08 8.46
N LEU D 30 24.29 -12.69 8.42
CA LEU D 30 23.94 -11.29 8.29
C LEU D 30 24.39 -10.49 9.51
N LEU D 31 24.13 -11.01 10.71
CA LEU D 31 24.52 -10.31 11.94
C LEU D 31 26.02 -10.05 12.03
N ASP D 32 26.82 -11.02 11.62
CA ASP D 32 28.27 -10.90 11.63
C ASP D 32 28.73 -9.79 10.69
N GLY D 33 28.09 -9.71 9.53
CA GLY D 33 28.44 -8.69 8.55
C GLY D 33 28.00 -7.31 8.98
N ALA D 34 26.96 -7.24 9.81
CA ALA D 34 26.43 -5.96 10.29
C ALA D 34 27.24 -5.40 11.46
N LYS D 35 27.56 -6.26 12.42
CA LYS D 35 28.37 -5.83 13.58
C LYS D 35 29.74 -5.44 13.04
N ALA D 36 30.22 -6.20 12.06
CA ALA D 36 31.53 -5.94 11.47
C ALA D 36 31.62 -4.52 10.96
N ALA D 37 30.67 -4.15 10.10
CA ALA D 37 30.64 -2.81 9.53
C ALA D 37 30.53 -1.76 10.63
N LEU D 38 29.56 -1.92 11.52
CA LEU D 38 29.38 -0.98 12.60
C LEU D 38 30.64 -0.81 13.44
N ASP D 39 31.31 -1.91 13.75
CA ASP D 39 32.53 -1.83 14.55
C ASP D 39 33.58 -1.03 13.78
N GLU D 40 33.78 -1.44 12.53
CA GLU D 40 34.76 -0.81 11.66
C GLU D 40 34.58 0.68 11.49
N ALA D 41 33.45 1.22 11.95
CA ALA D 41 33.19 2.66 11.82
C ALA D 41 32.95 3.34 13.17
N GLY D 42 33.37 2.67 14.25
CA GLY D 42 33.23 3.23 15.57
C GLY D 42 31.82 3.41 16.08
N ALA D 43 30.86 2.69 15.53
CA ALA D 43 29.49 2.82 15.99
C ALA D 43 29.15 1.77 17.05
N THR D 44 28.30 2.12 18.00
CA THR D 44 27.90 1.17 19.04
C THR D 44 26.45 0.78 18.77
N TYR D 45 26.05 -0.40 19.25
CA TYR D 45 24.68 -0.87 18.99
C TYR D 45 24.08 -1.80 20.03
N ASP D 46 22.77 -1.98 19.92
CA ASP D 46 22.00 -2.89 20.75
C ASP D 46 21.39 -3.85 19.72
N VAL D 47 21.19 -5.11 20.10
CA VAL D 47 20.62 -6.09 19.18
C VAL D 47 19.38 -6.72 19.77
N VAL D 48 18.28 -6.72 19.01
CA VAL D 48 17.04 -7.33 19.48
C VAL D 48 16.61 -8.42 18.47
N THR D 49 16.04 -9.51 18.98
CA THR D 49 15.64 -10.64 18.14
C THR D 49 14.15 -10.87 18.06
N VAL D 50 13.66 -11.05 16.84
CA VAL D 50 12.24 -11.29 16.61
C VAL D 50 12.13 -12.57 15.78
N PRO D 51 10.99 -13.29 15.88
CA PRO D 51 10.81 -14.53 15.14
C PRO D 51 10.85 -14.47 13.60
N GLY D 52 10.07 -13.56 13.02
CA GLY D 52 10.08 -13.45 11.57
C GLY D 52 10.17 -12.03 11.10
N ALA D 53 10.58 -11.85 9.85
CA ALA D 53 10.72 -10.53 9.25
C ALA D 53 9.47 -9.68 9.41
N LEU D 54 8.31 -10.33 9.55
CA LEU D 54 7.08 -9.57 9.70
C LEU D 54 7.06 -8.70 10.95
N GLU D 55 7.72 -9.10 12.03
CA GLU D 55 7.67 -8.24 13.21
C GLU D 55 8.80 -7.20 13.32
N ILE D 56 9.60 -7.06 12.26
CA ILE D 56 10.68 -6.08 12.27
C ILE D 56 10.13 -4.64 12.44
N PRO D 57 9.24 -4.19 11.55
CA PRO D 57 8.74 -2.83 11.75
C PRO D 57 8.14 -2.55 13.13
N ALA D 58 7.26 -3.43 13.61
CA ALA D 58 6.63 -3.24 14.92
C ALA D 58 7.66 -3.02 16.01
N THR D 59 8.76 -3.77 15.95
CA THR D 59 9.81 -3.63 16.94
C THR D 59 10.46 -2.23 16.88
N ILE D 60 10.71 -1.72 15.68
CA ILE D 60 11.28 -0.38 15.57
C ILE D 60 10.21 0.57 16.12
N SER D 61 8.95 0.21 15.96
CA SER D 61 7.85 1.02 16.47
C SER D 61 7.90 1.04 17.99
N PHE D 62 8.17 -0.11 18.60
CA PHE D 62 8.26 -0.19 20.07
C PHE D 62 9.43 0.65 20.55
N ALA D 63 10.54 0.58 19.82
CA ALA D 63 11.73 1.34 20.16
C ALA D 63 11.41 2.85 20.10
N LEU D 64 10.64 3.24 19.08
CA LEU D 64 10.27 4.64 18.90
C LEU D 64 9.37 5.16 20.02
N ASP D 65 8.49 4.29 20.53
CA ASP D 65 7.60 4.65 21.62
C ASP D 65 8.41 4.72 22.91
N GLY D 66 9.24 3.71 23.12
CA GLY D 66 10.08 3.69 24.31
C GLY D 66 10.94 4.93 24.41
N ALA D 67 11.56 5.31 23.30
CA ALA D 67 12.41 6.48 23.27
C ALA D 67 11.64 7.67 23.81
N ASP D 68 10.36 7.76 23.43
CA ASP D 68 9.49 8.84 23.88
C ASP D 68 9.01 8.67 25.32
N ASN D 69 9.63 7.74 26.03
CA ASN D 69 9.26 7.49 27.42
C ASN D 69 10.50 7.40 28.30
N GLY D 70 11.57 8.05 27.85
CA GLY D 70 12.81 8.04 28.59
C GLY D 70 13.73 6.90 28.18
N GLY D 71 13.18 5.90 27.49
CA GLY D 71 13.97 4.78 27.05
C GLY D 71 15.11 5.17 26.14
N THR D 72 15.97 4.21 25.79
CA THR D 72 17.10 4.49 24.92
C THR D 72 16.69 5.22 23.64
N GLU D 73 17.55 6.13 23.19
CA GLU D 73 17.30 6.91 21.99
C GLU D 73 18.29 6.43 20.95
N TYR D 74 17.79 5.86 19.86
CA TYR D 74 18.69 5.34 18.82
C TYR D 74 18.89 6.32 17.66
N ASP D 75 20.08 6.28 17.10
CA ASP D 75 20.42 7.16 15.98
C ASP D 75 19.98 6.57 14.65
N GLY D 76 20.04 5.25 14.54
CA GLY D 76 19.65 4.58 13.32
C GLY D 76 19.24 3.15 13.59
N PHE D 77 18.71 2.48 12.57
CA PHE D 77 18.27 1.09 12.70
C PHE D 77 18.79 0.25 11.55
N VAL D 78 19.06 -1.01 11.84
CA VAL D 78 19.56 -1.94 10.84
C VAL D 78 18.67 -3.18 10.86
N ALA D 79 17.77 -3.27 9.89
CA ALA D 79 16.86 -4.41 9.79
C ALA D 79 17.57 -5.55 9.04
N LEU D 80 17.62 -6.71 9.68
CA LEU D 80 18.25 -7.87 9.06
C LEU D 80 17.27 -9.02 9.08
N GLY D 81 17.10 -9.66 7.92
CA GLY D 81 16.19 -10.79 7.82
C GLY D 81 16.42 -11.60 6.56
N THR D 82 15.69 -12.69 6.39
CA THR D 82 15.83 -13.55 5.21
C THR D 82 14.55 -14.26 4.88
N VAL D 83 14.14 -14.19 3.62
CA VAL D 83 12.92 -14.84 3.18
C VAL D 83 13.28 -15.68 1.96
N ILE D 84 13.12 -16.99 2.07
CA ILE D 84 13.41 -17.89 0.97
C ILE D 84 12.10 -18.41 0.41
N ARG D 85 11.94 -18.28 -0.90
CA ARG D 85 10.72 -18.72 -1.58
C ARG D 85 10.44 -20.21 -1.42
N GLY D 86 9.21 -20.55 -1.08
CA GLY D 86 8.84 -21.94 -0.95
C GLY D 86 7.98 -22.32 -2.13
N GLU D 87 6.96 -23.15 -1.88
CA GLU D 87 6.04 -23.58 -2.93
C GLU D 87 4.71 -22.90 -2.58
N THR D 88 4.81 -21.87 -1.75
CA THR D 88 3.66 -21.13 -1.27
C THR D 88 3.78 -19.62 -1.49
N TYR D 89 2.64 -18.94 -1.60
CA TYR D 89 2.60 -17.49 -1.80
C TYR D 89 3.01 -16.73 -0.53
N HIS D 90 3.13 -17.45 0.58
CA HIS D 90 3.51 -16.83 1.85
C HIS D 90 4.82 -16.05 1.71
N PHE D 91 5.70 -16.55 0.84
CA PHE D 91 6.99 -15.92 0.59
C PHE D 91 6.79 -14.48 0.15
N ASP D 92 5.90 -14.30 -0.82
CA ASP D 92 5.60 -12.98 -1.37
C ASP D 92 5.12 -12.06 -0.27
N ILE D 93 4.20 -12.54 0.55
CA ILE D 93 3.66 -11.75 1.65
C ILE D 93 4.70 -11.32 2.69
N VAL D 94 5.46 -12.27 3.22
CA VAL D 94 6.48 -11.90 4.20
C VAL D 94 7.45 -10.89 3.58
N SER D 95 7.89 -11.15 2.34
CA SER D 95 8.79 -10.25 1.65
C SER D 95 8.15 -8.87 1.47
N ASN D 96 6.93 -8.86 0.96
CA ASN D 96 6.20 -7.63 0.71
C ASN D 96 5.93 -6.76 1.94
N GLU D 97 5.23 -7.32 2.92
CA GLU D 97 4.88 -6.55 4.09
C GLU D 97 6.03 -6.05 4.97
N SER D 98 7.12 -6.79 5.04
CA SER D 98 8.23 -6.35 5.87
C SER D 98 8.96 -5.18 5.24
N CYS D 99 9.14 -5.20 3.93
CA CYS D 99 9.84 -4.12 3.26
C CYS D 99 8.93 -2.93 2.98
N ARG D 100 7.62 -3.16 2.95
CA ARG D 100 6.69 -2.06 2.72
C ARG D 100 6.53 -1.26 4.00
N ALA D 101 6.38 -1.95 5.12
CA ALA D 101 6.23 -1.27 6.40
C ALA D 101 7.48 -0.48 6.78
N LEU D 102 8.66 -1.04 6.49
CA LEU D 102 9.94 -0.37 6.79
C LEU D 102 10.07 0.93 6.03
N THR D 103 10.10 0.83 4.70
CA THR D 103 10.24 2.01 3.87
C THR D 103 9.31 3.07 4.42
N ASP D 104 8.09 2.67 4.72
CA ASP D 104 7.06 3.55 5.28
C ASP D 104 7.54 4.22 6.57
N LEU D 105 8.00 3.39 7.49
CA LEU D 105 8.47 3.82 8.78
C LEU D 105 9.62 4.85 8.64
N SER D 106 10.59 4.57 7.77
CA SER D 106 11.70 5.50 7.59
C SER D 106 11.20 6.90 7.17
N VAL D 107 10.09 6.96 6.43
CA VAL D 107 9.57 8.25 5.98
C VAL D 107 8.65 8.89 7.00
N GLU D 108 7.60 8.16 7.39
CA GLU D 108 6.61 8.65 8.35
C GLU D 108 7.23 9.17 9.64
N GLU D 109 8.35 8.59 10.05
CA GLU D 109 9.04 8.98 11.27
C GLU D 109 10.34 9.72 11.00
N SER D 110 10.73 9.77 9.73
CA SER D 110 11.98 10.43 9.35
C SER D 110 13.21 9.88 10.07
N ILE D 111 13.41 8.56 9.96
CA ILE D 111 14.54 7.91 10.61
C ILE D 111 15.49 7.20 9.64
N ALA D 112 16.71 6.96 10.10
CA ALA D 112 17.73 6.28 9.31
C ALA D 112 17.58 4.75 9.46
N ILE D 113 17.34 4.06 8.36
CA ILE D 113 17.20 2.60 8.40
C ILE D 113 17.93 1.90 7.25
N GLY D 114 18.74 0.91 7.60
CA GLY D 114 19.46 0.14 6.59
C GLY D 114 18.62 -1.09 6.33
N ASN D 115 18.26 -1.35 5.08
CA ASN D 115 17.45 -2.51 4.78
C ASN D 115 18.28 -3.75 4.48
N GLY D 116 18.33 -4.68 5.43
CA GLY D 116 19.10 -5.89 5.25
C GLY D 116 18.24 -7.14 5.25
N ILE D 117 17.06 -7.06 4.63
CA ILE D 117 16.15 -8.21 4.55
C ILE D 117 16.29 -8.90 3.18
N LEU D 118 16.91 -10.07 3.16
CA LEU D 118 17.08 -10.82 1.92
C LEU D 118 15.76 -11.48 1.55
N THR D 119 15.50 -11.57 0.26
CA THR D 119 14.28 -12.21 -0.27
C THR D 119 14.74 -12.94 -1.52
N VAL D 120 15.31 -14.13 -1.32
CA VAL D 120 15.87 -14.92 -2.40
C VAL D 120 14.95 -16.03 -2.91
N GLU D 121 15.42 -16.74 -3.95
CA GLU D 121 14.67 -17.83 -4.57
C GLU D 121 14.96 -19.16 -3.91
N ASN D 122 16.19 -19.31 -3.42
CA ASN D 122 16.61 -20.54 -2.77
C ASN D 122 17.70 -20.26 -1.75
N GLU D 123 18.05 -21.29 -0.97
CA GLU D 123 19.08 -21.14 0.04
C GLU D 123 20.46 -20.94 -0.57
N GLU D 124 20.65 -21.43 -1.79
CA GLU D 124 21.94 -21.23 -2.45
C GLU D 124 22.20 -19.73 -2.52
N GLN D 125 21.24 -19.01 -3.09
CA GLN D 125 21.35 -17.56 -3.20
C GLN D 125 21.39 -16.89 -1.82
N ALA D 126 20.68 -17.47 -0.85
CA ALA D 126 20.64 -16.91 0.49
C ALA D 126 22.05 -16.66 1.04
N TRP D 127 22.88 -17.69 1.03
CA TRP D 127 24.25 -17.59 1.53
C TRP D 127 25.15 -16.65 0.75
N VAL D 128 24.83 -16.41 -0.51
CA VAL D 128 25.62 -15.49 -1.33
C VAL D 128 25.46 -14.05 -0.81
N ARG D 129 24.21 -13.67 -0.53
CA ARG D 129 23.92 -12.32 -0.04
C ARG D 129 24.19 -12.15 1.46
N ALA D 130 24.11 -13.25 2.21
CA ALA D 130 24.30 -13.22 3.66
C ALA D 130 25.75 -13.22 4.16
N ARG D 131 26.60 -13.98 3.48
CA ARG D 131 27.99 -14.09 3.88
C ARG D 131 28.77 -12.82 3.66
N ARG D 132 29.58 -12.47 4.65
CA ARG D 132 30.42 -11.28 4.60
C ARG D 132 31.60 -11.55 3.67
N GLU D 133 31.87 -12.84 3.47
CA GLU D 133 32.97 -13.28 2.61
C GLU D 133 32.49 -13.21 1.16
N ASP D 134 31.20 -12.94 0.97
CA ASP D 134 30.61 -12.84 -0.35
C ASP D 134 29.98 -11.47 -0.56
N LYS D 135 28.69 -11.43 -0.86
CA LYS D 135 27.98 -10.16 -1.10
C LYS D 135 27.77 -9.31 0.14
N ASP D 136 28.08 -9.86 1.31
CA ASP D 136 27.93 -9.16 2.58
C ASP D 136 26.82 -8.10 2.62
N LYS D 137 25.57 -8.53 2.49
CA LYS D 137 24.43 -7.62 2.53
C LYS D 137 24.17 -7.10 3.95
N GLY D 138 24.77 -7.76 4.94
CA GLY D 138 24.60 -7.32 6.32
C GLY D 138 25.42 -6.06 6.53
N GLY D 139 26.61 -6.05 5.93
CA GLY D 139 27.48 -4.89 6.05
C GLY D 139 26.98 -3.75 5.19
N PHE D 140 26.38 -4.08 4.05
CA PHE D 140 25.85 -3.07 3.13
C PHE D 140 24.65 -2.36 3.74
N ALA D 141 23.82 -3.13 4.45
CA ALA D 141 22.63 -2.59 5.09
C ALA D 141 23.06 -1.79 6.30
N ALA D 142 24.09 -2.29 6.98
CA ALA D 142 24.59 -1.61 8.15
C ALA D 142 25.17 -0.26 7.69
N ARG D 143 26.10 -0.31 6.74
CA ARG D 143 26.70 0.92 6.22
C ARG D 143 25.62 1.90 5.78
N ALA D 144 24.60 1.41 5.08
CA ALA D 144 23.51 2.26 4.62
C ALA D 144 22.97 3.13 5.75
N ALA D 145 22.62 2.49 6.88
CA ALA D 145 22.10 3.19 8.05
C ALA D 145 23.04 4.31 8.47
N LEU D 146 24.34 4.05 8.43
CA LEU D 146 25.32 5.06 8.78
C LEU D 146 25.24 6.27 7.85
N THR D 147 25.15 6.01 6.54
CA THR D 147 25.05 7.11 5.59
C THR D 147 23.79 7.91 5.86
N MET D 148 22.69 7.22 6.11
CA MET D 148 21.44 7.92 6.39
C MET D 148 21.49 8.73 7.69
N ILE D 149 22.17 8.18 8.69
CA ILE D 149 22.31 8.92 9.94
C ILE D 149 23.03 10.23 9.62
N GLY D 150 24.06 10.14 8.79
CA GLY D 150 24.81 11.30 8.38
C GLY D 150 23.96 12.32 7.63
N LEU D 151 23.23 11.86 6.62
CA LEU D 151 22.38 12.77 5.88
C LEU D 151 21.37 13.43 6.81
N ARG D 152 20.75 12.63 7.66
CA ARG D 152 19.77 13.14 8.60
C ARG D 152 20.34 14.35 9.35
N LYS D 153 21.66 14.36 9.57
CA LYS D 153 22.30 15.48 10.25
C LYS D 153 22.53 16.64 9.29
N LYS D 154 23.28 16.38 8.21
CA LYS D 154 23.58 17.40 7.23
C LYS D 154 22.33 18.21 6.89
N PHE D 155 21.17 17.57 6.91
CA PHE D 155 19.92 18.26 6.59
C PHE D 155 19.31 19.06 7.75
N GLY D 156 19.51 18.58 8.97
CA GLY D 156 18.95 19.28 10.11
C GLY D 156 17.61 18.71 10.53
N ALA D 157 17.58 17.41 10.79
CA ALA D 157 16.36 16.73 11.22
C ALA D 157 16.72 15.50 12.05
N ASP E 11 15.13 35.13 -8.88
CA ASP E 11 15.36 33.91 -8.07
C ASP E 11 14.66 32.71 -8.72
N ALA E 12 15.43 31.92 -9.47
CA ALA E 12 14.92 30.74 -10.16
C ALA E 12 14.63 29.61 -9.17
N PRO E 13 14.04 28.51 -9.66
CA PRO E 13 13.72 27.38 -8.78
C PRO E 13 14.93 26.54 -8.40
N HIS E 14 15.05 26.28 -7.10
CA HIS E 14 16.16 25.50 -6.56
C HIS E 14 15.67 24.08 -6.23
N LEU E 15 16.15 23.11 -7.00
CA LEU E 15 15.77 21.70 -6.81
C LEU E 15 16.82 20.94 -6.02
N LEU E 16 16.44 19.75 -5.56
CA LEU E 16 17.34 18.87 -4.84
C LEU E 16 17.41 17.56 -5.62
N ILE E 17 18.60 17.19 -6.09
CA ILE E 17 18.74 15.94 -6.81
C ILE E 17 19.16 14.85 -5.83
N VAL E 18 18.28 13.88 -5.58
CA VAL E 18 18.63 12.81 -4.67
C VAL E 18 18.93 11.58 -5.50
N GLU E 19 20.19 11.17 -5.50
CA GLU E 19 20.57 10.02 -6.29
C GLU E 19 21.00 8.81 -5.51
N ALA E 20 20.58 7.65 -6.01
CA ALA E 20 20.95 6.39 -5.42
C ALA E 20 22.07 5.88 -6.30
N ARG E 21 23.30 5.97 -5.79
CA ARG E 21 24.48 5.54 -6.52
C ARG E 21 24.84 4.07 -6.25
N PHE E 22 24.12 3.17 -6.91
CA PHE E 22 24.35 1.73 -6.77
C PHE E 22 25.27 1.27 -7.90
N TYR E 23 24.90 1.61 -9.13
CA TYR E 23 25.70 1.29 -10.31
C TYR E 23 26.35 2.61 -10.72
N ASP E 24 27.59 2.83 -10.27
CA ASP E 24 28.28 4.09 -10.55
C ASP E 24 28.22 4.68 -11.93
N ASP E 25 28.39 3.86 -12.95
CA ASP E 25 28.37 4.38 -14.30
C ASP E 25 27.00 4.80 -14.80
N LEU E 26 25.97 4.02 -14.47
CA LEU E 26 24.63 4.38 -14.91
C LEU E 26 24.18 5.63 -14.15
N ALA E 27 24.58 5.74 -12.89
CA ALA E 27 24.23 6.91 -12.08
C ALA E 27 24.84 8.17 -12.67
N ASP E 28 26.06 8.05 -13.20
CA ASP E 28 26.71 9.20 -13.81
C ASP E 28 25.90 9.65 -15.01
N ALA E 29 25.56 8.70 -15.88
CA ALA E 29 24.76 8.99 -17.06
C ALA E 29 23.47 9.73 -16.69
N LEU E 30 22.74 9.19 -15.72
CA LEU E 30 21.48 9.75 -15.24
C LEU E 30 21.60 11.17 -14.68
N LEU E 31 22.51 11.35 -13.73
CA LEU E 31 22.73 12.66 -13.11
C LEU E 31 23.10 13.69 -14.18
N ASP E 32 23.88 13.26 -15.16
CA ASP E 32 24.30 14.11 -16.24
C ASP E 32 23.09 14.65 -16.99
N GLY E 33 22.20 13.75 -17.38
CA GLY E 33 21.01 14.18 -18.10
C GLY E 33 20.14 15.10 -17.26
N ALA E 34 20.16 14.87 -15.95
CA ALA E 34 19.38 15.68 -15.04
C ALA E 34 19.95 17.09 -14.92
N LYS E 35 21.23 17.18 -14.58
CA LYS E 35 21.87 18.48 -14.45
C LYS E 35 21.70 19.32 -15.70
N ALA E 36 21.95 18.72 -16.86
CA ALA E 36 21.82 19.40 -18.14
C ALA E 36 20.45 20.05 -18.32
N ALA E 37 19.40 19.26 -18.11
CA ALA E 37 18.03 19.75 -18.25
C ALA E 37 17.71 20.91 -17.31
N LEU E 38 18.39 20.96 -16.17
CA LEU E 38 18.16 22.02 -15.19
C LEU E 38 18.98 23.26 -15.52
N ASP E 39 20.20 23.06 -16.02
CA ASP E 39 21.04 24.19 -16.38
C ASP E 39 20.30 24.95 -17.47
N GLU E 40 19.87 24.20 -18.49
CA GLU E 40 19.17 24.75 -19.64
C GLU E 40 17.88 25.46 -19.29
N ALA E 41 17.20 25.00 -18.26
CA ALA E 41 15.97 25.63 -17.82
C ALA E 41 16.39 26.76 -16.90
N GLY E 42 17.69 26.81 -16.64
CA GLY E 42 18.26 27.83 -15.79
C GLY E 42 17.94 27.74 -14.31
N ALA E 43 17.75 26.53 -13.79
CA ALA E 43 17.45 26.36 -12.38
C ALA E 43 18.66 25.81 -11.64
N THR E 44 18.79 26.16 -10.37
CA THR E 44 19.90 25.67 -9.59
C THR E 44 19.49 24.43 -8.82
N TYR E 45 20.44 23.82 -8.12
CA TYR E 45 20.14 22.61 -7.37
C TYR E 45 21.32 22.12 -6.54
N ASP E 46 21.03 21.21 -5.62
CA ASP E 46 22.07 20.60 -4.80
C ASP E 46 21.98 19.12 -5.14
N VAL E 47 23.03 18.37 -4.83
CA VAL E 47 23.03 16.94 -5.10
C VAL E 47 23.42 16.19 -3.84
N VAL E 48 22.54 15.29 -3.39
CA VAL E 48 22.81 14.46 -2.21
C VAL E 48 22.85 13.00 -2.67
N THR E 49 23.81 12.23 -2.16
CA THR E 49 23.94 10.83 -2.59
C THR E 49 23.57 9.76 -1.57
N VAL E 50 22.78 8.79 -2.00
CA VAL E 50 22.34 7.69 -1.13
C VAL E 50 22.78 6.36 -1.74
N PRO E 51 22.87 5.31 -0.92
CA PRO E 51 23.28 3.98 -1.38
C PRO E 51 22.31 3.22 -2.28
N GLY E 52 21.03 3.23 -1.94
CA GLY E 52 20.05 2.53 -2.75
C GLY E 52 18.79 3.31 -2.99
N ALA E 53 18.01 2.89 -3.99
CA ALA E 53 16.77 3.56 -4.33
C ALA E 53 15.84 3.56 -3.13
N LEU E 54 16.06 2.62 -2.21
CA LEU E 54 15.22 2.51 -1.03
C LEU E 54 15.36 3.69 -0.08
N GLU E 55 16.53 4.30 -0.02
CA GLU E 55 16.67 5.42 0.90
C GLU E 55 16.46 6.77 0.24
N ILE E 56 15.78 6.77 -0.90
CA ILE E 56 15.55 8.05 -1.56
C ILE E 56 14.38 8.75 -0.88
N PRO E 57 13.22 8.08 -0.77
CA PRO E 57 12.10 8.76 -0.12
C PRO E 57 12.39 9.32 1.27
N ALA E 58 13.13 8.60 2.09
CA ALA E 58 13.46 9.08 3.44
C ALA E 58 14.34 10.34 3.36
N THR E 59 15.26 10.37 2.40
CA THR E 59 16.14 11.53 2.23
C THR E 59 15.33 12.78 1.95
N ILE E 60 14.35 12.68 1.05
CA ILE E 60 13.54 13.85 0.75
C ILE E 60 12.83 14.25 2.04
N SER E 61 12.33 13.26 2.78
CA SER E 61 11.67 13.52 4.04
C SER E 61 12.60 14.34 4.94
N PHE E 62 13.85 13.86 5.08
CA PHE E 62 14.86 14.56 5.89
C PHE E 62 14.98 15.99 5.40
N ALA E 63 14.93 16.17 4.08
CA ALA E 63 15.06 17.51 3.52
C ALA E 63 13.90 18.40 3.95
N LEU E 64 12.69 17.84 3.98
CA LEU E 64 11.53 18.62 4.38
C LEU E 64 11.56 19.03 5.84
N ASP E 65 11.84 18.10 6.74
CA ASP E 65 11.89 18.42 8.16
C ASP E 65 12.98 19.44 8.46
N GLY E 66 14.06 19.39 7.69
CA GLY E 66 15.15 20.32 7.88
C GLY E 66 14.68 21.72 7.51
N ALA E 67 13.92 21.82 6.43
CA ALA E 67 13.40 23.11 5.98
C ALA E 67 12.45 23.66 7.05
N ASP E 68 11.94 22.80 7.90
CA ASP E 68 11.03 23.24 8.96
C ASP E 68 11.84 23.64 10.19
N ASN E 69 13.14 23.33 10.14
CA ASN E 69 14.05 23.67 11.23
C ASN E 69 14.98 24.76 10.73
N GLY E 70 14.48 25.54 9.78
CA GLY E 70 15.24 26.64 9.23
C GLY E 70 16.21 26.33 8.10
N GLY E 71 16.28 25.08 7.66
CA GLY E 71 17.19 24.70 6.59
C GLY E 71 16.79 25.18 5.21
N THR E 72 17.56 24.75 4.20
CA THR E 72 17.29 25.11 2.81
C THR E 72 15.90 24.65 2.39
N GLU E 73 15.15 25.54 1.76
CA GLU E 73 13.80 25.27 1.29
C GLU E 73 13.88 25.01 -0.22
N TYR E 74 13.59 23.78 -0.64
CA TYR E 74 13.66 23.44 -2.06
C TYR E 74 12.34 23.64 -2.80
N ASP E 75 12.43 23.86 -4.10
CA ASP E 75 11.24 24.05 -4.92
C ASP E 75 10.72 22.72 -5.44
N GLY E 76 11.63 21.77 -5.66
CA GLY E 76 11.22 20.47 -6.15
C GLY E 76 12.33 19.46 -5.93
N PHE E 77 12.06 18.20 -6.29
CA PHE E 77 13.06 17.14 -6.13
C PHE E 77 13.14 16.26 -7.36
N VAL E 78 14.34 15.80 -7.66
CA VAL E 78 14.58 14.89 -8.78
C VAL E 78 15.15 13.63 -8.17
N ALA E 79 14.51 12.49 -8.39
CA ALA E 79 14.99 11.23 -7.84
C ALA E 79 15.65 10.40 -8.92
N LEU E 80 16.91 10.00 -8.70
CA LEU E 80 17.65 9.19 -9.68
C LEU E 80 18.05 7.84 -9.09
N GLY E 81 17.86 6.79 -9.87
CA GLY E 81 18.20 5.47 -9.42
C GLY E 81 17.97 4.49 -10.54
N THR E 82 18.55 3.30 -10.41
CA THR E 82 18.42 2.26 -11.42
C THR E 82 18.39 0.93 -10.71
N VAL E 83 17.39 0.11 -11.03
CA VAL E 83 17.30 -1.22 -10.43
C VAL E 83 17.29 -2.18 -11.61
N ILE E 84 18.20 -3.14 -11.60
CA ILE E 84 18.29 -4.12 -12.67
C ILE E 84 17.90 -5.48 -12.11
N ARG E 85 17.05 -6.20 -12.85
CA ARG E 85 16.58 -7.51 -12.44
C ARG E 85 17.64 -8.60 -12.40
N GLY E 86 17.86 -9.14 -11.20
CA GLY E 86 18.82 -10.21 -11.05
C GLY E 86 18.05 -11.52 -11.12
N GLU E 87 18.29 -12.42 -10.16
CA GLU E 87 17.58 -13.70 -10.12
C GLU E 87 16.58 -13.64 -8.98
N THR E 88 16.96 -12.89 -7.95
CA THR E 88 16.19 -12.72 -6.73
C THR E 88 14.99 -11.79 -6.82
N TYR E 89 14.02 -12.04 -5.95
CA TYR E 89 12.78 -11.24 -5.86
C TYR E 89 13.07 -9.82 -5.36
N HIS E 90 14.31 -9.60 -4.93
CA HIS E 90 14.74 -8.31 -4.40
C HIS E 90 14.47 -7.17 -5.39
N PHE E 91 14.49 -7.49 -6.67
CA PHE E 91 14.22 -6.51 -7.73
C PHE E 91 12.83 -5.88 -7.52
N ASP E 92 11.83 -6.73 -7.40
CA ASP E 92 10.45 -6.29 -7.21
C ASP E 92 10.30 -5.34 -6.03
N ILE E 93 10.89 -5.73 -4.91
CA ILE E 93 10.84 -4.95 -3.69
C ILE E 93 11.48 -3.57 -3.82
N VAL E 94 12.76 -3.53 -4.19
CA VAL E 94 13.45 -2.26 -4.34
C VAL E 94 12.68 -1.35 -5.29
N SER E 95 12.27 -1.89 -6.44
CA SER E 95 11.50 -1.12 -7.43
C SER E 95 10.18 -0.60 -6.85
N ASN E 96 9.37 -1.51 -6.30
CA ASN E 96 8.08 -1.14 -5.76
C ASN E 96 8.11 -0.14 -4.61
N GLU E 97 8.81 -0.47 -3.54
CA GLU E 97 8.88 0.41 -2.38
C GLU E 97 9.43 1.81 -2.63
N SER E 98 10.54 1.92 -3.35
CA SER E 98 11.09 3.24 -3.64
C SER E 98 10.04 4.12 -4.28
N CYS E 99 9.42 3.60 -5.35
CA CYS E 99 8.40 4.36 -6.08
C CYS E 99 7.09 4.58 -5.33
N ARG E 100 6.66 3.59 -4.55
CA ARG E 100 5.44 3.73 -3.80
C ARG E 100 5.65 4.85 -2.77
N ALA E 101 6.71 4.73 -1.98
CA ALA E 101 7.00 5.73 -0.97
C ALA E 101 7.18 7.09 -1.60
N LEU E 102 7.72 7.12 -2.83
CA LEU E 102 7.94 8.39 -3.52
C LEU E 102 6.65 9.01 -3.98
N THR E 103 5.76 8.18 -4.53
CA THR E 103 4.49 8.67 -5.01
C THR E 103 3.66 9.22 -3.86
N ASP E 104 3.51 8.43 -2.80
CA ASP E 104 2.72 8.88 -1.66
C ASP E 104 3.27 10.17 -1.06
N LEU E 105 4.58 10.21 -0.88
CA LEU E 105 5.24 11.38 -0.31
C LEU E 105 4.81 12.65 -1.04
N SER E 106 4.90 12.64 -2.37
CA SER E 106 4.54 13.79 -3.17
C SER E 106 3.11 14.24 -2.86
N VAL E 107 2.17 13.29 -2.76
CA VAL E 107 0.80 13.67 -2.45
C VAL E 107 0.67 14.20 -1.02
N GLU E 108 1.03 13.36 -0.06
CA GLU E 108 0.95 13.67 1.36
C GLU E 108 1.64 14.96 1.76
N GLU E 109 2.66 15.38 0.99
CA GLU E 109 3.37 16.61 1.30
C GLU E 109 3.15 17.70 0.25
N SER E 110 2.52 17.34 -0.87
CA SER E 110 2.28 18.30 -1.94
C SER E 110 3.58 18.92 -2.45
N ILE E 111 4.48 18.08 -2.96
CA ILE E 111 5.75 18.57 -3.46
C ILE E 111 5.98 18.14 -4.92
N ALA E 112 6.79 18.91 -5.66
CA ALA E 112 7.06 18.56 -7.05
C ALA E 112 8.20 17.56 -7.12
N ILE E 113 7.93 16.35 -7.62
CA ILE E 113 8.94 15.29 -7.71
C ILE E 113 9.09 14.68 -9.10
N GLY E 114 10.33 14.58 -9.57
CA GLY E 114 10.58 13.97 -10.87
C GLY E 114 11.08 12.56 -10.60
N ASN E 115 10.32 11.55 -11.01
CA ASN E 115 10.70 10.16 -10.78
C ASN E 115 11.62 9.59 -11.86
N GLY E 116 12.91 9.48 -11.53
CA GLY E 116 13.88 8.95 -12.48
C GLY E 116 14.52 7.64 -12.08
N ILE E 117 13.79 6.82 -11.34
CA ILE E 117 14.31 5.53 -10.92
C ILE E 117 14.02 4.49 -12.00
N LEU E 118 15.05 4.07 -12.72
CA LEU E 118 14.88 3.07 -13.77
C LEU E 118 14.65 1.69 -13.16
N THR E 119 13.76 0.94 -13.78
CA THR E 119 13.42 -0.40 -13.34
C THR E 119 13.52 -1.27 -14.58
N VAL E 120 14.72 -1.75 -14.89
CA VAL E 120 14.92 -2.54 -16.09
C VAL E 120 15.34 -3.99 -15.86
N GLU E 121 15.33 -4.75 -16.95
CA GLU E 121 15.66 -6.18 -16.94
C GLU E 121 17.16 -6.47 -17.08
N ASN E 122 17.88 -5.66 -17.86
CA ASN E 122 19.31 -5.86 -18.04
C ASN E 122 20.10 -4.55 -18.15
N GLU E 123 21.42 -4.66 -18.06
CA GLU E 123 22.31 -3.50 -18.12
C GLU E 123 22.25 -2.74 -19.44
N GLU E 124 21.73 -3.39 -20.48
CA GLU E 124 21.64 -2.73 -21.78
C GLU E 124 20.40 -1.86 -21.88
N GLN E 125 19.30 -2.34 -21.32
CA GLN E 125 18.07 -1.57 -21.33
C GLN E 125 18.32 -0.29 -20.54
N ALA E 126 19.00 -0.44 -19.41
CA ALA E 126 19.34 0.67 -18.53
C ALA E 126 20.13 1.79 -19.22
N TRP E 127 21.08 1.40 -20.08
CA TRP E 127 21.90 2.37 -20.79
C TRP E 127 21.13 3.16 -21.86
N VAL E 128 20.14 2.54 -22.46
CA VAL E 128 19.34 3.22 -23.49
C VAL E 128 18.47 4.28 -22.82
N ARG E 129 18.18 4.04 -21.54
CA ARG E 129 17.35 4.94 -20.76
C ARG E 129 18.17 5.98 -20.00
N ALA E 130 19.31 5.54 -19.48
CA ALA E 130 20.17 6.42 -18.71
C ALA E 130 20.83 7.54 -19.50
N ARG E 131 21.44 7.20 -20.62
CA ARG E 131 22.16 8.16 -21.47
C ARG E 131 21.32 9.31 -22.02
N ARG E 132 21.87 10.51 -21.93
CA ARG E 132 21.20 11.71 -22.40
C ARG E 132 21.06 11.70 -23.92
N GLU E 133 22.06 11.13 -24.60
CA GLU E 133 22.07 11.03 -26.06
C GLU E 133 21.14 9.91 -26.51
N ASP E 134 20.23 9.53 -25.62
CA ASP E 134 19.31 8.46 -25.92
C ASP E 134 17.91 8.80 -25.42
N LYS E 135 17.34 7.91 -24.60
CA LYS E 135 16.01 8.10 -24.05
C LYS E 135 15.99 9.21 -22.99
N ASP E 136 17.18 9.57 -22.51
CA ASP E 136 17.39 10.61 -21.48
C ASP E 136 16.38 10.65 -20.33
N LYS E 137 16.11 9.50 -19.72
CA LYS E 137 15.15 9.49 -18.63
C LYS E 137 15.56 10.46 -17.52
N GLY E 138 16.86 10.57 -17.28
CA GLY E 138 17.34 11.47 -16.25
C GLY E 138 16.88 12.90 -16.50
N GLY E 139 16.97 13.33 -17.76
CA GLY E 139 16.55 14.66 -18.11
C GLY E 139 15.04 14.72 -18.09
N PHE E 140 14.41 13.64 -18.57
CA PHE E 140 12.96 13.56 -18.60
C PHE E 140 12.44 13.79 -17.19
N ALA E 141 13.06 13.13 -16.20
CA ALA E 141 12.67 13.27 -14.80
C ALA E 141 12.85 14.70 -14.27
N ALA E 142 13.95 15.35 -14.68
CA ALA E 142 14.22 16.71 -14.25
C ALA E 142 13.15 17.67 -14.78
N ARG E 143 12.81 17.50 -16.05
CA ARG E 143 11.81 18.35 -16.65
C ARG E 143 10.46 18.17 -15.98
N ALA E 144 10.20 16.95 -15.49
CA ALA E 144 8.95 16.64 -14.80
C ALA E 144 8.88 17.49 -13.53
N ALA E 145 9.96 17.45 -12.76
CA ALA E 145 10.07 18.20 -11.52
C ALA E 145 9.82 19.67 -11.83
N LEU E 146 10.43 20.16 -12.91
CA LEU E 146 10.22 21.55 -13.28
C LEU E 146 8.73 21.77 -13.57
N THR E 147 8.15 21.00 -14.49
CA THR E 147 6.74 21.13 -14.83
C THR E 147 5.82 21.12 -13.60
N MET E 148 6.07 20.18 -12.69
CA MET E 148 5.24 20.10 -11.48
C MET E 148 5.46 21.35 -10.64
N ILE E 149 6.71 21.81 -10.56
CA ILE E 149 7.00 23.02 -9.80
C ILE E 149 6.16 24.13 -10.41
N GLY E 150 5.99 24.07 -11.73
CA GLY E 150 5.19 25.06 -12.42
C GLY E 150 3.70 24.92 -12.07
N LEU E 151 3.17 23.70 -12.17
CA LEU E 151 1.76 23.47 -11.85
C LEU E 151 1.47 23.81 -10.39
N ARG E 152 2.44 23.54 -9.53
CA ARG E 152 2.25 23.82 -8.11
C ARG E 152 2.05 25.32 -7.90
N LYS E 153 2.72 26.14 -8.72
CA LYS E 153 2.56 27.60 -8.60
C LYS E 153 1.25 28.07 -9.22
N LYS E 154 1.01 27.70 -10.47
CA LYS E 154 -0.21 28.11 -11.16
C LYS E 154 -1.45 27.80 -10.32
N PHE E 155 -1.36 26.80 -9.45
CA PHE E 155 -2.49 26.42 -8.63
C PHE E 155 -2.58 27.19 -7.33
N GLY E 156 -1.45 27.74 -6.89
CA GLY E 156 -1.44 28.47 -5.64
C GLY E 156 -1.46 27.48 -4.50
N ALA E 157 -0.74 26.39 -4.68
CA ALA E 157 -0.65 25.33 -3.67
C ALA E 157 0.32 25.74 -2.56
CA CA F . -12.50 27.80 -1.07
CA CA G . -6.32 -8.69 -32.34
N1 INI H . 3.80 7.77 -18.00
C2 INI H . 2.52 7.40 -18.43
O2 INI H . 1.61 8.18 -18.17
N3 INI H . 2.42 6.20 -19.10
C4 INI H . 3.47 5.33 -19.38
O4 INI H . 3.12 4.29 -20.01
C5 INI H . 4.92 5.77 -18.89
N5 INI H . 6.03 4.86 -19.18
O51 INI H . 5.86 3.84 -19.76
O52 INI H . 7.14 5.15 -18.82
C6 INI H . 5.00 7.07 -18.16
N7 INI H . 6.16 7.71 -17.61
C8 INI H . 6.44 7.41 -16.17
C9 INI H . 5.97 8.52 -15.14
O9 INI H . 4.62 8.71 -15.48
C10 INI H . 6.58 10.00 -15.23
O10 INI H . 6.43 10.49 -16.52
C11 INI H . 8.22 10.28 -14.84
O11 INI H . 8.64 8.93 -14.42
C12 INI H . 8.80 11.13 -13.61
O12 INI H . 7.69 11.65 -12.91
CA CA I . -24.33 11.52 13.43
N1 INI J . -15.30 -2.11 -12.58
C2 INI J . -15.72 -3.32 -12.03
O2 INI J . -16.41 -3.25 -11.02
N3 INI J . -15.30 -4.47 -12.68
C4 INI J . -14.51 -4.51 -13.84
O4 INI J . -14.26 -5.68 -14.25
C5 INI J . -14.05 -3.13 -14.43
N5 INI J . -13.21 -3.17 -15.64
O51 INI J . -12.90 -4.21 -16.13
O52 INI J . -12.83 -2.13 -16.13
C6 INI J . -14.50 -1.91 -13.73
N7 INI J . -14.23 -0.55 -14.07
C8 INI J . -13.04 0.06 -13.39
C9 INI J . -13.36 1.17 -12.32
O9 INI J . -14.10 0.43 -11.38
C10 INI J . -14.31 2.45 -12.66
O10 INI J . -15.52 2.02 -13.18
C11 INI J . -13.81 3.67 -13.72
O11 INI J . -12.47 3.19 -14.04
C12 INI J . -13.43 5.17 -13.38
O12 INI J . -13.71 5.34 -12.02
CA CA K . -8.95 0.52 29.03
CA CA L . 2.57 -33.86 -2.23
N1 INI M . -11.49 -16.08 3.58
C2 INI M . -10.37 -16.82 3.96
O2 INI M . -9.96 -16.64 5.11
N3 INI M . -9.84 -17.68 3.03
C4 INI M . -10.33 -17.87 1.73
O4 INI M . -9.68 -18.73 1.06
C5 INI M . -11.60 -17.04 1.31
N5 INI M . -12.15 -17.23 -0.02
O51 INI M . -11.66 -18.00 -0.79
O52 INI M . -13.13 -16.60 -0.36
C6 INI M . -12.15 -16.12 2.34
N7 INI M . -13.30 -15.27 2.23
C8 INI M . -13.02 -13.88 1.77
C9 INI M . -13.11 -12.77 2.90
O9 INI M . -12.23 -13.27 3.90
C10 INI M . -14.47 -12.46 3.72
O10 INI M . -14.96 -13.59 4.35
C11 INI M . -15.82 -11.79 2.93
O11 INI M . -15.29 -11.66 1.56
C12 INI M . -16.40 -10.32 3.10
O12 INI M . -16.65 -10.13 4.46
CA CA N . 17.05 -22.53 14.19
N1 INI O . 10.07 -15.08 8.55
C2 INI O . 11.24 -14.75 7.87
O2 INI O . 11.95 -13.88 8.37
N3 INI O . 11.49 -15.44 6.70
C4 INI O . 10.68 -16.43 6.15
O4 INI O . 11.12 -16.92 5.07
C5 INI O . 9.36 -16.79 6.91
N5 INI O . 8.49 -17.82 6.34
O51 INI O . 8.78 -18.38 5.33
O52 INI O . 7.47 -18.11 6.90
C6 INI O . 9.10 -16.04 8.17
N7 INI O . 8.00 -16.17 9.07
C8 INI O . 6.85 -15.26 8.79
C9 INI O . 6.64 -14.08 9.84
O9 INI O . 7.86 -13.35 9.76
C10 INI O . 6.45 -14.35 11.42
O10 INI O . 7.54 -15.08 11.92
C11 INI O . 5.09 -15.18 12.01
O11 INI O . 4.37 -15.41 10.76
C12 INI O . 3.88 -14.57 12.87
O12 INI O . 4.30 -13.31 13.30
N1 INI P . 19.46 -0.36 -4.80
C2 INI P . 19.29 0.22 -6.04
O2 INI P . 19.10 1.43 -6.05
N3 INI P . 19.35 -0.62 -7.14
C4 INI P . 19.57 -2.00 -7.10
O4 INI P . 19.58 -2.56 -8.23
C5 INI P . 19.76 -2.65 -5.68
N5 INI P . 20.00 -4.09 -5.63
O51 INI P . 20.03 -4.75 -6.61
O52 INI P . 20.15 -4.61 -4.55
C6 INI P . 19.69 -1.73 -4.52
N7 INI P . 19.84 -2.04 -3.13
C8 INI P . 18.54 -2.07 -2.39
C9 INI P . 18.31 -0.87 -1.39
O9 INI P . 18.19 0.22 -2.27
C10 INI P . 19.48 -0.43 -0.35
O10 INI P . 20.67 -0.24 -1.03
C11 INI P . 19.92 -1.42 0.94
O11 INI P . 18.98 -2.53 0.78
C12 INI P . 19.67 -1.12 2.48
O12 INI P . 19.13 0.17 2.51
#